data_5XK8
#
_entry.id   5XK8
#
_cell.length_a   65.342
_cell.length_b   121.151
_cell.length_c   121.246
_cell.angle_alpha   90.00
_cell.angle_beta   90.00
_cell.angle_gamma   90.00
#
_symmetry.space_group_name_H-M   'P 21 21 21'
#
loop_
_entity.id
_entity.type
_entity.pdbx_description
1 polymer 'Undecaprenyl diphosphate synthase'
2 non-polymer 'GERANYL DIPHOSPHATE'
3 non-polymer 'MAGNESIUM ION'
4 water water
#
_entity_poly.entity_id   1
_entity_poly.type   'polypeptide(L)'
_entity_poly.pdbx_seq_one_letter_code
;MAHHHHHHVDDDDKMMTNLMLLPDGMRRWSQKQGISLDDSYAAMTDKLVEFTGWAREEGFTTFYVTVSSVANYSRSEEQV
TTAMNAFTEVVRRCHDTLNFNYSGTLEVVPERWLTELEALRAKSDSQSDFTLHFIMGMSLAHEVIGIFNKFNGKIPALTE
ELLAANAYVPEPVDFLIRPGGHVRMSSFYPLMSPFAEMYFCPTLLNDMTRADFDVALEDLRERDRRYGLYPV
;
_entity_poly.pdbx_strand_id   A,B,C,D
#
# COMPACT_ATOMS: atom_id res chain seq x y z
N MET A 15 1.02 -26.41 -14.66
CA MET A 15 2.18 -25.60 -14.34
C MET A 15 2.72 -25.91 -12.95
N MET A 16 3.91 -26.50 -12.89
CA MET A 16 4.58 -26.75 -11.61
C MET A 16 5.40 -25.53 -11.20
N THR A 17 5.06 -24.97 -10.06
CA THR A 17 5.73 -23.80 -9.49
C THR A 17 6.58 -24.19 -8.28
N ASN A 18 7.52 -23.31 -7.94
CA ASN A 18 8.33 -23.44 -6.74
C ASN A 18 8.28 -22.12 -5.98
N LEU A 19 8.77 -22.12 -4.75
CA LEU A 19 8.66 -20.93 -3.91
C LEU A 19 9.98 -20.72 -3.17
N MET A 20 10.35 -19.45 -2.97
CA MET A 20 11.58 -19.08 -2.28
C MET A 20 11.27 -18.06 -1.19
N LEU A 21 11.82 -18.29 0.00
CA LEU A 21 11.64 -17.40 1.14
C LEU A 21 12.96 -16.77 1.52
N LEU A 22 12.94 -15.45 1.74
CA LEU A 22 14.11 -14.72 2.22
C LEU A 22 13.89 -14.35 3.68
N PRO A 23 14.46 -15.09 4.63
CA PRO A 23 14.23 -14.81 6.04
C PRO A 23 15.12 -13.70 6.59
N ASP A 24 14.54 -12.86 7.44
CA ASP A 24 15.26 -11.80 8.13
C ASP A 24 14.36 -11.29 9.24
N GLY A 25 14.93 -10.46 10.11
CA GLY A 25 14.17 -9.81 11.15
C GLY A 25 14.09 -10.59 12.44
N MET A 26 15.12 -11.38 12.76
CA MET A 26 15.13 -12.09 14.02
C MET A 26 15.62 -11.17 15.13
N ARG A 27 16.61 -10.33 14.82
CA ARG A 27 17.06 -9.34 15.78
C ARG A 27 15.96 -8.32 16.07
N ARG A 28 15.27 -7.86 15.02
CA ARG A 28 14.14 -6.95 15.18
C ARG A 28 13.04 -7.57 16.04
N TRP A 29 12.77 -8.87 15.83
CA TRP A 29 11.72 -9.52 16.62
C TRP A 29 12.17 -9.70 18.07
N SER A 30 13.44 -10.05 18.28
CA SER A 30 13.95 -10.21 19.64
C SER A 30 13.95 -8.89 20.41
N GLN A 31 14.37 -7.80 19.76
CA GLN A 31 14.37 -6.49 20.41
C GLN A 31 12.95 -5.99 20.64
N LYS A 32 12.07 -6.21 19.67
CA LYS A 32 10.68 -5.76 19.78
C LYS A 32 9.97 -6.49 20.93
N GLN A 33 10.25 -7.78 21.11
CA GLN A 33 9.62 -8.58 22.15
C GLN A 33 10.32 -8.51 23.49
N GLY A 34 11.54 -7.98 23.55
CA GLY A 34 12.30 -8.04 24.78
C GLY A 34 12.68 -9.44 25.19
N ILE A 35 13.09 -10.27 24.23
CA ILE A 35 13.51 -11.64 24.49
C ILE A 35 14.92 -11.82 23.95
N SER A 36 15.49 -12.99 24.21
CA SER A 36 16.85 -13.27 23.76
C SER A 36 16.88 -13.57 22.26
N LEU A 37 18.06 -13.40 21.68
CA LEU A 37 18.26 -13.77 20.28
C LEU A 37 18.02 -15.25 20.05
N ASP A 38 18.43 -16.08 21.01
CA ASP A 38 18.24 -17.52 20.85
C ASP A 38 16.76 -17.89 20.77
N ASP A 39 15.94 -17.30 21.65
CA ASP A 39 14.50 -17.58 21.60
C ASP A 39 13.89 -17.07 20.29
N SER A 40 14.36 -15.92 19.81
CA SER A 40 13.91 -15.41 18.52
C SER A 40 14.22 -16.42 17.42
N TYR A 41 15.40 -17.03 17.45
CA TYR A 41 15.74 -18.02 16.43
C TYR A 41 14.96 -19.33 16.62
N ALA A 42 14.61 -19.68 17.85
CA ALA A 42 13.74 -20.84 18.06
C ALA A 42 12.37 -20.59 17.46
N ALA A 43 11.82 -19.38 17.66
CA ALA A 43 10.59 -19.01 16.98
C ALA A 43 10.76 -19.03 15.46
N MET A 44 11.94 -18.67 14.98
CA MET A 44 12.20 -18.76 13.54
C MET A 44 12.17 -20.21 13.07
N THR A 45 12.71 -21.13 13.87
CA THR A 45 12.66 -22.54 13.51
C THR A 45 11.22 -23.04 13.42
N ASP A 46 10.42 -22.75 14.46
CA ASP A 46 9.01 -23.13 14.42
C ASP A 46 8.32 -22.55 13.18
N LYS A 47 8.53 -21.25 12.93
CA LYS A 47 7.88 -20.60 11.81
C LYS A 47 8.32 -21.17 10.48
N LEU A 48 9.59 -21.60 10.38
CA LEU A 48 10.07 -22.17 9.12
C LEU A 48 9.50 -23.57 8.90
N VAL A 49 9.35 -24.35 9.97
CA VAL A 49 8.66 -25.63 9.85
C VAL A 49 7.24 -25.41 9.35
N GLU A 50 6.54 -24.44 9.96
CA GLU A 50 5.22 -24.05 9.47
C GLU A 50 5.25 -23.70 7.99
N PHE A 51 6.18 -22.83 7.60
CA PHE A 51 6.25 -22.37 6.22
C PHE A 51 6.48 -23.52 5.25
N THR A 52 7.34 -24.47 5.63
CA THR A 52 7.56 -25.66 4.81
C THR A 52 6.27 -26.45 4.66
N GLY A 53 5.54 -26.63 5.77
CA GLY A 53 4.25 -27.31 5.69
C GLY A 53 3.29 -26.59 4.74
N TRP A 54 3.18 -25.27 4.88
CA TRP A 54 2.28 -24.50 4.03
C TRP A 54 2.66 -24.63 2.56
N ALA A 55 3.95 -24.48 2.26
CA ALA A 55 4.42 -24.60 0.88
C ALA A 55 4.11 -25.97 0.31
N ARG A 56 4.28 -27.03 1.11
CA ARG A 56 3.95 -28.36 0.62
C ARG A 56 2.45 -28.51 0.39
N GLU A 57 1.63 -27.97 1.30
CA GLU A 57 0.19 -28.05 1.12
C GLU A 57 -0.27 -27.33 -0.14
N GLU A 58 0.43 -26.27 -0.55
CA GLU A 58 0.03 -25.49 -1.71
C GLU A 58 0.58 -26.03 -3.02
N GLY A 59 1.23 -27.19 -2.99
CA GLY A 59 1.63 -27.87 -4.21
C GLY A 59 2.94 -27.43 -4.82
N PHE A 60 3.72 -26.60 -4.12
CA PHE A 60 5.02 -26.20 -4.65
C PHE A 60 5.96 -27.40 -4.69
N THR A 61 6.69 -27.52 -5.80
CA THR A 61 7.62 -28.65 -5.94
C THR A 61 8.80 -28.50 -4.99
N THR A 62 9.35 -27.29 -4.89
CA THR A 62 10.49 -27.03 -4.02
C THR A 62 10.27 -25.74 -3.24
N PHE A 63 10.63 -25.79 -1.95
CA PHE A 63 10.62 -24.63 -1.07
C PHE A 63 12.09 -24.27 -0.80
N TYR A 64 12.53 -23.16 -1.35
CA TYR A 64 13.88 -22.64 -1.17
C TYR A 64 13.90 -21.67 -0.02
N VAL A 65 14.96 -21.75 0.79
CA VAL A 65 15.17 -20.81 1.88
C VAL A 65 16.56 -20.20 1.72
N THR A 66 16.62 -18.88 1.56
CA THR A 66 17.92 -18.20 1.46
C THR A 66 18.46 -18.04 2.88
N VAL A 67 19.28 -19.02 3.30
CA VAL A 67 19.67 -19.12 4.71
C VAL A 67 20.58 -17.96 5.09
N SER A 68 21.56 -17.66 4.25
CA SER A 68 22.59 -16.70 4.65
C SER A 68 23.33 -16.19 3.43
N SER A 69 23.99 -15.05 3.62
CA SER A 69 24.93 -14.51 2.66
C SER A 69 26.35 -14.89 3.09
N VAL A 70 27.30 -14.62 2.21
CA VAL A 70 28.71 -14.84 2.57
C VAL A 70 29.09 -13.96 3.76
N ALA A 71 28.65 -12.70 3.73
CA ALA A 71 29.02 -11.75 4.80
C ALA A 71 28.48 -12.18 6.16
N ASN A 72 27.35 -12.90 6.18
CA ASN A 72 26.77 -13.31 7.47
C ASN A 72 27.76 -14.12 8.30
N TYR A 73 28.66 -14.86 7.65
CA TYR A 73 29.63 -15.67 8.38
C TYR A 73 30.80 -14.85 8.91
N SER A 74 30.80 -13.54 8.70
CA SER A 74 31.73 -12.63 9.36
C SER A 74 31.22 -12.14 10.71
N ARG A 75 30.00 -12.52 11.09
CA ARG A 75 29.49 -12.20 12.41
C ARG A 75 30.25 -13.01 13.47
N SER A 76 29.90 -12.76 14.74
CA SER A 76 30.57 -13.46 15.82
C SER A 76 30.27 -14.95 15.76
N GLU A 77 31.19 -15.74 16.33
CA GLU A 77 31.03 -17.20 16.33
C GLU A 77 29.71 -17.62 16.94
N GLU A 78 29.32 -17.00 18.04
CA GLU A 78 28.05 -17.30 18.68
C GLU A 78 26.86 -17.01 17.78
N GLN A 79 26.86 -15.87 17.09
CA GLN A 79 25.73 -15.55 16.22
C GLN A 79 25.61 -16.56 15.09
N VAL A 80 26.74 -16.94 14.48
CA VAL A 80 26.75 -17.96 13.43
C VAL A 80 26.25 -19.28 13.98
N THR A 81 26.69 -19.66 15.18
CA THR A 81 26.27 -20.93 15.77
C THR A 81 24.76 -20.93 16.03
N THR A 82 24.24 -19.84 16.61
CA THR A 82 22.81 -19.74 16.88
C THR A 82 22.00 -19.83 15.59
N ALA A 83 22.37 -19.03 14.59
CA ALA A 83 21.60 -19.02 13.34
C ALA A 83 21.67 -20.38 12.63
N MET A 84 22.88 -20.89 12.42
CA MET A 84 23.04 -22.16 11.72
C MET A 84 22.36 -23.30 12.45
N ASN A 85 22.39 -23.26 13.79
CA ASN A 85 21.68 -24.26 14.58
C ASN A 85 20.17 -24.14 14.39
N ALA A 86 19.65 -22.91 14.39
CA ALA A 86 18.22 -22.71 14.21
C ALA A 86 17.75 -23.23 12.86
N PHE A 87 18.50 -22.89 11.79
CA PHE A 87 18.15 -23.40 10.46
C PHE A 87 18.27 -24.92 10.40
N THR A 88 19.33 -25.48 10.99
CA THR A 88 19.54 -26.92 10.95
C THR A 88 18.42 -27.66 11.67
N GLU A 89 17.88 -27.08 12.76
CA GLU A 89 16.81 -27.74 13.51
C GLU A 89 15.57 -27.97 12.64
N VAL A 90 15.28 -27.07 11.71
CA VAL A 90 14.19 -27.29 10.75
C VAL A 90 14.39 -28.62 10.03
N VAL A 91 15.60 -28.81 9.49
CA VAL A 91 15.90 -30.04 8.75
C VAL A 91 15.85 -31.25 9.69
N ARG A 92 16.31 -31.08 10.92
CA ARG A 92 16.24 -32.18 11.87
C ARG A 92 14.80 -32.61 12.11
N ARG A 93 13.87 -31.65 12.13
CA ARG A 93 12.49 -31.99 12.45
C ARG A 93 11.73 -32.55 11.25
N CYS A 94 11.99 -32.05 10.05
CA CYS A 94 11.15 -32.42 8.91
C CYS A 94 11.85 -33.27 7.86
N HIS A 95 13.14 -33.58 8.02
CA HIS A 95 13.91 -34.20 6.96
C HIS A 95 13.42 -35.61 6.62
N ASP A 96 12.72 -36.26 7.54
CA ASP A 96 12.32 -37.64 7.35
C ASP A 96 11.24 -37.80 6.30
N THR A 97 10.44 -36.76 6.06
CA THR A 97 9.27 -36.85 5.19
C THR A 97 9.42 -36.11 3.88
N LEU A 98 10.60 -35.56 3.58
CA LEU A 98 10.80 -34.83 2.34
C LEU A 98 12.24 -35.00 1.88
N ASN A 99 12.50 -34.54 0.65
CA ASN A 99 13.84 -34.56 0.08
C ASN A 99 14.54 -33.25 0.44
N PHE A 100 15.69 -33.36 1.10
CA PHE A 100 16.47 -32.20 1.50
C PHE A 100 17.72 -32.09 0.65
N ASN A 101 18.06 -30.85 0.29
CA ASN A 101 19.24 -30.56 -0.49
C ASN A 101 19.71 -29.17 -0.13
N TYR A 102 20.95 -28.86 -0.51
CA TYR A 102 21.52 -27.56 -0.18
C TYR A 102 22.63 -27.23 -1.15
N SER A 103 23.01 -25.96 -1.19
CA SER A 103 24.03 -25.46 -2.10
C SER A 103 24.44 -24.07 -1.64
N GLY A 104 25.41 -23.48 -2.35
CA GLY A 104 25.86 -22.13 -2.10
C GLY A 104 27.37 -22.09 -1.99
N THR A 105 27.88 -21.00 -1.40
CA THR A 105 29.31 -20.84 -1.16
C THR A 105 29.66 -21.66 0.08
N LEU A 106 29.76 -22.97 -0.11
CA LEU A 106 29.86 -23.90 1.01
C LEU A 106 31.17 -23.77 1.77
N GLU A 107 32.22 -23.26 1.14
CA GLU A 107 33.53 -23.20 1.79
C GLU A 107 33.57 -22.21 2.95
N VAL A 108 32.60 -21.30 3.04
CA VAL A 108 32.54 -20.37 4.17
C VAL A 108 31.63 -20.86 5.28
N VAL A 109 30.99 -22.02 5.10
CA VAL A 109 30.11 -22.58 6.13
C VAL A 109 30.96 -23.43 7.07
N PRO A 110 30.85 -23.25 8.38
CA PRO A 110 31.63 -24.08 9.32
C PRO A 110 31.38 -25.57 9.11
N GLU A 111 32.45 -26.36 9.23
CA GLU A 111 32.38 -27.78 8.90
C GLU A 111 31.31 -28.52 9.69
N ARG A 112 31.04 -28.10 10.94
CA ARG A 112 30.03 -28.77 11.74
C ARG A 112 28.68 -28.82 11.02
N TRP A 113 28.25 -27.69 10.47
CA TRP A 113 26.96 -27.63 9.83
C TRP A 113 26.97 -28.32 8.46
N LEU A 114 28.08 -28.25 7.73
CA LEU A 114 28.19 -28.99 6.48
C LEU A 114 28.08 -30.49 6.71
N THR A 115 28.75 -30.99 7.75
CA THR A 115 28.70 -32.41 8.09
C THR A 115 27.29 -32.82 8.50
N GLU A 116 26.69 -32.09 9.44
CA GLU A 116 25.36 -32.47 9.91
C GLU A 116 24.33 -32.36 8.80
N LEU A 117 24.39 -31.29 8.00
CA LEU A 117 23.45 -31.12 6.90
C LEU A 117 23.65 -32.17 5.83
N GLU A 118 24.90 -32.61 5.60
CA GLU A 118 25.15 -33.71 4.68
C GLU A 118 24.51 -35.00 5.18
N ALA A 119 24.69 -35.31 6.47
CA ALA A 119 24.07 -36.51 7.01
C ALA A 119 22.55 -36.45 6.91
N LEU A 120 21.97 -35.28 7.22
CA LEU A 120 20.52 -35.13 7.12
C LEU A 120 20.04 -35.26 5.69
N ARG A 121 20.85 -34.77 4.74
CA ARG A 121 20.51 -34.93 3.33
C ARG A 121 20.55 -36.41 2.92
N ALA A 122 21.52 -37.15 3.44
CA ALA A 122 21.57 -38.59 3.17
C ALA A 122 20.39 -39.32 3.77
N LYS A 123 19.90 -38.86 4.93
CA LYS A 123 18.79 -39.54 5.59
C LYS A 123 17.41 -39.09 5.09
N SER A 124 17.35 -38.08 4.23
CA SER A 124 16.05 -37.60 3.78
C SER A 124 15.51 -38.49 2.66
N ASP A 125 14.22 -38.36 2.41
CA ASP A 125 13.53 -39.16 1.39
C ASP A 125 13.77 -38.54 0.03
N SER A 126 14.84 -39.00 -0.64
CA SER A 126 15.18 -38.46 -1.95
C SER A 126 14.16 -38.82 -3.03
N GLN A 127 13.15 -39.63 -2.69
CA GLN A 127 12.10 -40.00 -3.61
C GLN A 127 10.82 -39.21 -3.38
N SER A 128 10.81 -38.31 -2.39
CA SER A 128 9.64 -37.51 -2.08
C SER A 128 9.38 -36.50 -3.20
N ASP A 129 8.11 -36.19 -3.42
CA ASP A 129 7.71 -35.21 -4.42
C ASP A 129 7.83 -33.77 -3.94
N PHE A 130 8.31 -33.54 -2.72
CA PHE A 130 8.49 -32.20 -2.18
C PHE A 130 9.92 -32.04 -1.70
N THR A 131 10.52 -30.89 -1.99
CA THR A 131 11.92 -30.65 -1.70
C THR A 131 12.08 -29.38 -0.87
N LEU A 132 12.87 -29.47 0.21
CA LEU A 132 13.34 -28.32 0.95
C LEU A 132 14.81 -28.11 0.61
N HIS A 133 15.15 -26.92 0.12
CA HIS A 133 16.51 -26.64 -0.36
C HIS A 133 17.04 -25.39 0.32
N PHE A 134 18.13 -25.53 1.07
CA PHE A 134 18.81 -24.41 1.68
C PHE A 134 19.89 -23.89 0.74
N ILE A 135 19.98 -22.56 0.64
CA ILE A 135 21.10 -21.94 -0.05
C ILE A 135 21.85 -21.11 0.98
N MET A 136 23.14 -21.41 1.16
CA MET A 136 23.95 -20.79 2.17
C MET A 136 25.10 -20.03 1.53
N GLY A 137 25.49 -18.93 2.15
CA GLY A 137 26.53 -18.09 1.57
C GLY A 137 26.15 -17.53 0.23
N MET A 138 24.92 -17.03 0.09
CA MET A 138 24.49 -16.45 -1.17
C MET A 138 25.24 -15.16 -1.45
N SER A 139 25.68 -15.01 -2.70
CA SER A 139 26.37 -13.82 -3.17
C SER A 139 26.65 -13.97 -4.66
N LEU A 140 26.04 -13.11 -5.48
CA LEU A 140 26.22 -13.24 -6.92
C LEU A 140 27.69 -13.12 -7.32
N ALA A 141 28.43 -12.23 -6.65
CA ALA A 141 29.84 -12.07 -6.95
C ALA A 141 30.61 -13.37 -6.70
N HIS A 142 30.42 -13.98 -5.53
CA HIS A 142 31.14 -15.21 -5.21
C HIS A 142 30.67 -16.37 -6.09
N GLU A 143 29.38 -16.41 -6.42
CA GLU A 143 28.85 -17.46 -7.29
C GLU A 143 29.48 -17.39 -8.68
N VAL A 144 29.47 -16.20 -9.29
CA VAL A 144 30.04 -16.03 -10.62
C VAL A 144 31.53 -16.27 -10.61
N ILE A 145 32.23 -15.75 -9.60
CA ILE A 145 33.68 -15.95 -9.51
C ILE A 145 34.01 -17.43 -9.39
N GLY A 146 33.23 -18.16 -8.60
CA GLY A 146 33.47 -19.59 -8.46
C GLY A 146 33.25 -20.34 -9.77
N ILE A 147 32.20 -19.98 -10.51
CA ILE A 147 31.95 -20.64 -11.80
C ILE A 147 33.08 -20.34 -12.78
N PHE A 148 33.44 -19.06 -12.91
CA PHE A 148 34.51 -18.68 -13.82
C PHE A 148 35.79 -19.41 -13.49
N ASN A 149 36.23 -19.35 -12.22
CA ASN A 149 37.46 -20.02 -11.83
C ASN A 149 37.37 -21.52 -12.05
N LYS A 150 36.18 -22.10 -11.91
CA LYS A 150 36.05 -23.52 -12.16
C LYS A 150 36.30 -23.85 -13.63
N PHE A 151 35.79 -23.02 -14.55
CA PHE A 151 35.92 -23.35 -15.96
C PHE A 151 36.94 -22.49 -16.71
N ASN A 152 37.70 -21.64 -16.02
CA ASN A 152 38.62 -20.72 -16.68
C ASN A 152 39.70 -21.47 -17.46
N GLY A 153 39.67 -21.29 -18.78
CA GLY A 153 40.66 -21.89 -19.66
C GLY A 153 40.44 -23.34 -20.01
N LYS A 154 39.51 -24.02 -19.34
CA LYS A 154 39.28 -25.44 -19.58
C LYS A 154 38.23 -25.70 -20.67
N ILE A 155 37.48 -24.69 -21.09
CA ILE A 155 36.44 -24.89 -22.10
C ILE A 155 36.46 -23.73 -23.07
N PRO A 156 36.02 -23.96 -24.32
CA PRO A 156 36.03 -22.88 -25.30
C PRO A 156 35.06 -21.75 -24.99
N ALA A 157 33.90 -22.04 -24.41
CA ALA A 157 32.95 -21.00 -24.07
C ALA A 157 31.97 -21.53 -23.03
N LEU A 158 31.50 -20.63 -22.18
CA LEU A 158 30.49 -20.98 -21.19
C LEU A 158 29.12 -20.95 -21.84
N THR A 159 28.34 -22.00 -21.64
CA THR A 159 27.02 -22.11 -22.23
C THR A 159 25.94 -21.90 -21.18
N GLU A 160 24.72 -21.65 -21.65
CA GLU A 160 23.59 -21.51 -20.74
C GLU A 160 23.35 -22.80 -19.97
N GLU A 161 23.60 -23.95 -20.59
CA GLU A 161 23.37 -25.22 -19.92
C GLU A 161 24.36 -25.45 -18.78
N LEU A 162 25.64 -25.16 -19.01
CA LEU A 162 26.62 -25.29 -17.95
C LEU A 162 26.33 -24.31 -16.82
N LEU A 163 26.07 -23.05 -17.17
CA LEU A 163 25.75 -22.05 -16.17
C LEU A 163 24.56 -22.48 -15.32
N ALA A 164 23.51 -22.98 -15.98
CA ALA A 164 22.34 -23.44 -15.25
C ALA A 164 22.66 -24.64 -14.37
N ALA A 165 23.55 -25.53 -14.84
CA ALA A 165 23.93 -26.71 -14.08
C ALA A 165 24.88 -26.41 -12.94
N ASN A 166 25.48 -25.21 -12.90
CA ASN A 166 26.42 -24.87 -11.85
C ASN A 166 25.97 -23.71 -10.98
N ALA A 167 24.79 -23.15 -11.22
CA ALA A 167 24.28 -22.10 -10.34
C ALA A 167 23.83 -22.70 -9.00
N TYR A 168 23.84 -21.85 -7.97
CA TYR A 168 23.40 -22.28 -6.65
C TYR A 168 21.96 -22.79 -6.68
N VAL A 169 21.05 -22.01 -7.26
CA VAL A 169 19.66 -22.41 -7.41
C VAL A 169 19.52 -23.16 -8.73
N PRO A 170 19.18 -24.46 -8.71
CA PRO A 170 19.30 -25.29 -9.91
C PRO A 170 18.18 -25.10 -10.93
N GLU A 171 17.28 -24.15 -10.73
CA GLU A 171 16.19 -23.90 -11.66
C GLU A 171 15.72 -22.46 -11.48
N PRO A 172 14.99 -21.91 -12.44
CA PRO A 172 14.37 -20.59 -12.23
C PRO A 172 13.37 -20.64 -11.07
N VAL A 173 13.36 -19.58 -10.28
CA VAL A 173 12.43 -19.47 -9.16
C VAL A 173 11.17 -18.76 -9.65
N ASP A 174 10.00 -19.32 -9.31
CA ASP A 174 8.73 -18.72 -9.71
C ASP A 174 8.33 -17.58 -8.78
N PHE A 175 8.14 -17.89 -7.50
CA PHE A 175 7.66 -16.91 -6.53
C PHE A 175 8.71 -16.71 -5.44
N LEU A 176 8.88 -15.47 -5.02
CA LEU A 176 9.85 -15.09 -4.01
C LEU A 176 9.17 -14.19 -3.00
N ILE A 177 9.27 -14.52 -1.71
CA ILE A 177 8.59 -13.81 -0.65
C ILE A 177 9.61 -13.28 0.34
N ARG A 178 9.50 -11.98 0.67
CA ARG A 178 10.34 -11.35 1.69
C ARG A 178 9.47 -10.61 2.69
N PRO A 179 9.25 -11.18 3.87
CA PRO A 179 8.68 -10.43 4.99
C PRO A 179 9.75 -9.55 5.64
N GLY A 180 9.30 -8.72 6.58
CA GLY A 180 10.21 -7.94 7.39
C GLY A 180 10.32 -6.47 7.05
N GLY A 181 9.63 -5.99 6.02
CA GLY A 181 9.56 -4.57 5.75
C GLY A 181 10.67 -4.02 4.88
N HIS A 182 11.71 -4.78 4.58
CA HIS A 182 12.77 -4.32 3.71
C HIS A 182 12.42 -4.67 2.27
N VAL A 183 12.32 -3.65 1.42
CA VAL A 183 12.05 -3.86 0.01
C VAL A 183 13.38 -3.83 -0.74
N ARG A 184 14.08 -4.97 -0.72
CA ARG A 184 15.38 -5.12 -1.34
C ARG A 184 15.68 -6.60 -1.42
N MET A 185 16.62 -6.97 -2.27
CA MET A 185 17.00 -8.37 -2.47
C MET A 185 18.27 -8.77 -1.74
N SER A 186 19.06 -7.82 -1.24
CA SER A 186 20.35 -8.09 -0.63
C SER A 186 21.21 -8.95 -1.56
N SER A 187 21.84 -10.00 -1.02
CA SER A 187 22.64 -10.92 -1.80
C SER A 187 21.86 -12.14 -2.27
N PHE A 188 20.54 -12.09 -2.21
CA PHE A 188 19.71 -13.28 -2.37
C PHE A 188 19.05 -13.41 -3.74
N TYR A 189 19.37 -12.56 -4.70
CA TYR A 189 18.66 -12.64 -5.98
C TYR A 189 19.13 -13.88 -6.73
N PRO A 190 18.22 -14.73 -7.20
CA PRO A 190 18.63 -15.98 -7.86
C PRO A 190 19.17 -15.73 -9.27
N LEU A 191 20.34 -16.30 -9.55
CA LEU A 191 21.07 -15.99 -10.78
C LEU A 191 20.23 -16.31 -12.01
N MET A 192 19.62 -17.49 -12.06
CA MET A 192 18.93 -17.95 -13.26
C MET A 192 17.42 -17.74 -13.19
N SER A 193 16.98 -16.67 -12.53
CA SER A 193 15.56 -16.37 -12.35
C SER A 193 15.26 -14.94 -12.80
N PRO A 194 15.39 -14.65 -14.10
CA PRO A 194 15.13 -13.27 -14.54
C PRO A 194 13.68 -12.84 -14.42
N PHE A 195 12.74 -13.78 -14.45
CA PHE A 195 11.30 -13.48 -14.41
C PHE A 195 10.62 -13.92 -13.12
N ALA A 196 11.37 -14.05 -12.03
CA ALA A 196 10.76 -14.42 -10.76
C ALA A 196 9.86 -13.29 -10.27
N GLU A 197 8.73 -13.66 -9.69
CA GLU A 197 7.82 -12.68 -9.12
C GLU A 197 8.16 -12.45 -7.67
N MET A 198 8.18 -11.18 -7.27
CA MET A 198 8.59 -10.78 -5.93
C MET A 198 7.40 -10.25 -5.15
N TYR A 199 7.36 -10.60 -3.86
CA TYR A 199 6.34 -10.13 -2.94
C TYR A 199 7.03 -9.70 -1.65
N PHE A 200 6.79 -8.47 -1.23
CA PHE A 200 7.34 -7.94 0.01
C PHE A 200 6.20 -7.64 0.96
N CYS A 201 6.41 -7.88 2.25
CA CYS A 201 5.40 -7.43 3.20
C CYS A 201 6.08 -6.96 4.46
N PRO A 202 5.51 -5.96 5.15
CA PRO A 202 6.16 -5.43 6.36
C PRO A 202 6.12 -6.37 7.54
N THR A 203 5.16 -7.30 7.58
CA THR A 203 5.03 -8.23 8.68
C THR A 203 6.33 -9.02 8.86
N LEU A 204 6.83 -9.05 10.09
CA LEU A 204 8.04 -9.81 10.39
C LEU A 204 7.80 -11.30 10.18
N LEU A 205 8.89 -12.01 9.86
CA LEU A 205 8.80 -13.45 9.57
C LEU A 205 8.18 -14.21 10.74
N ASN A 206 8.64 -13.94 11.96
CA ASN A 206 8.13 -14.67 13.10
C ASN A 206 6.68 -14.33 13.43
N ASP A 207 6.14 -13.24 12.87
CA ASP A 207 4.75 -12.87 13.04
C ASP A 207 3.86 -13.32 11.89
N MET A 208 4.43 -13.89 10.83
CA MET A 208 3.63 -14.29 9.67
C MET A 208 2.67 -15.41 10.05
N THR A 209 1.40 -15.23 9.69
CA THR A 209 0.37 -16.24 9.90
C THR A 209 0.09 -16.95 8.59
N ARG A 210 -0.69 -18.03 8.69
CA ARG A 210 -1.15 -18.71 7.48
C ARG A 210 -1.96 -17.77 6.59
N ALA A 211 -2.71 -16.84 7.19
CA ALA A 211 -3.48 -15.90 6.40
C ALA A 211 -2.57 -14.95 5.62
N ASP A 212 -1.51 -14.46 6.25
CA ASP A 212 -0.53 -13.62 5.54
C ASP A 212 0.06 -14.37 4.35
N PHE A 213 0.43 -15.64 4.57
CA PHE A 213 0.91 -16.49 3.49
C PHE A 213 -0.13 -16.60 2.38
N ASP A 214 -1.40 -16.78 2.74
CA ASP A 214 -2.45 -16.98 1.74
C ASP A 214 -2.68 -15.72 0.91
N VAL A 215 -2.70 -14.55 1.54
CA VAL A 215 -2.90 -13.33 0.77
C VAL A 215 -1.67 -13.05 -0.08
N ALA A 216 -0.47 -13.43 0.41
CA ALA A 216 0.71 -13.37 -0.43
C ALA A 216 0.54 -14.23 -1.68
N LEU A 217 0.00 -15.44 -1.52
CA LEU A 217 -0.19 -16.32 -2.68
C LEU A 217 -1.30 -15.81 -3.61
N GLU A 218 -2.32 -15.16 -3.05
CA GLU A 218 -3.30 -14.50 -3.90
C GLU A 218 -2.62 -13.45 -4.77
N ASP A 219 -1.78 -12.62 -4.15
CA ASP A 219 -1.04 -11.61 -4.90
C ASP A 219 -0.17 -12.25 -5.97
N LEU A 220 0.58 -13.29 -5.62
CA LEU A 220 1.55 -13.86 -6.56
C LEU A 220 0.86 -14.59 -7.69
N ARG A 221 -0.22 -15.32 -7.40
CA ARG A 221 -0.91 -16.08 -8.42
C ARG A 221 -1.82 -15.20 -9.27
N GLU A 222 -2.18 -14.01 -8.78
CA GLU A 222 -2.96 -13.08 -9.59
C GLU A 222 -2.14 -12.54 -10.76
N ARG A 223 -0.82 -12.55 -10.66
CA ARG A 223 0.01 -11.81 -11.60
C ARG A 223 0.03 -12.51 -12.96
N ASP A 224 0.10 -11.71 -14.01
CA ASP A 224 0.29 -12.21 -15.37
C ASP A 224 1.77 -12.25 -15.68
N ARG A 225 2.29 -13.42 -16.03
CA ARG A 225 3.71 -13.61 -16.30
C ARG A 225 3.95 -13.49 -17.80
N ARG A 226 4.75 -12.49 -18.18
CA ARG A 226 4.98 -12.17 -19.59
C ARG A 226 6.28 -12.74 -20.12
N TYR A 227 7.31 -12.85 -19.29
CA TYR A 227 8.63 -13.29 -19.71
C TYR A 227 9.18 -12.39 -20.82
N GLY A 228 8.87 -11.10 -20.72
CA GLY A 228 9.38 -10.10 -21.65
C GLY A 228 8.62 -9.98 -22.95
N LEU A 229 7.54 -10.73 -23.14
CA LEU A 229 6.80 -10.73 -24.39
C LEU A 229 5.41 -10.14 -24.19
N TYR A 230 4.84 -9.63 -25.28
CA TYR A 230 3.44 -9.22 -25.26
C TYR A 230 2.54 -10.44 -25.36
N PRO A 231 1.32 -10.36 -24.83
CA PRO A 231 0.41 -11.51 -24.94
C PRO A 231 -0.04 -11.73 -26.37
N VAL A 232 -0.38 -12.99 -26.67
CA VAL A 232 -0.84 -13.36 -28.00
C VAL A 232 -2.30 -13.83 -27.94
N MET B 16 27.89 11.26 -4.22
CA MET B 16 28.19 10.36 -5.33
C MET B 16 27.21 9.19 -5.34
N THR B 17 25.94 9.49 -5.56
CA THR B 17 24.86 8.51 -5.61
C THR B 17 24.41 8.30 -7.05
N ASN B 18 23.78 7.16 -7.31
CA ASN B 18 23.22 6.88 -8.63
C ASN B 18 21.80 6.34 -8.48
N LEU B 19 21.11 6.30 -9.62
CA LEU B 19 19.71 5.87 -9.66
C LEU B 19 19.49 5.02 -10.89
N MET B 20 18.63 4.01 -10.77
CA MET B 20 18.30 3.11 -11.87
C MET B 20 16.79 3.04 -12.01
N LEU B 21 16.30 3.20 -13.24
CA LEU B 21 14.88 3.15 -13.55
C LEU B 21 14.59 1.96 -14.45
N LEU B 22 13.56 1.19 -14.10
CA LEU B 22 13.10 0.06 -14.89
C LEU B 22 11.81 0.45 -15.58
N PRO B 23 11.83 0.73 -16.89
CA PRO B 23 10.62 1.19 -17.55
C PRO B 23 9.63 0.06 -17.77
N ASP B 24 8.35 0.40 -17.66
CA ASP B 24 7.28 -0.56 -17.83
C ASP B 24 5.99 0.21 -18.06
N GLY B 25 5.00 -0.50 -18.61
CA GLY B 25 3.67 0.04 -18.76
C GLY B 25 3.39 0.86 -20.00
N MET B 26 4.07 0.58 -21.12
CA MET B 26 3.80 1.35 -22.33
C MET B 26 2.61 0.78 -23.12
N ARG B 27 2.51 -0.54 -23.24
CA ARG B 27 1.34 -1.15 -23.85
C ARG B 27 0.08 -0.88 -23.03
N ARG B 28 0.18 -1.08 -21.72
CA ARG B 28 -0.93 -0.79 -20.81
C ARG B 28 -1.36 0.66 -20.91
N TRP B 29 -0.40 1.58 -21.02
CA TRP B 29 -0.75 2.98 -21.12
C TRP B 29 -1.42 3.28 -22.47
N SER B 30 -0.96 2.64 -23.54
CA SER B 30 -1.62 2.82 -24.83
C SER B 30 -3.05 2.32 -24.80
N GLN B 31 -3.29 1.19 -24.13
CA GLN B 31 -4.66 0.70 -24.00
C GLN B 31 -5.50 1.62 -23.13
N LYS B 32 -4.93 2.13 -22.03
CA LYS B 32 -5.67 3.00 -21.14
C LYS B 32 -6.06 4.30 -21.83
N GLN B 33 -5.18 4.85 -22.66
CA GLN B 33 -5.46 6.10 -23.33
C GLN B 33 -6.14 5.93 -24.68
N GLY B 34 -6.25 4.70 -25.18
CA GLY B 34 -6.82 4.48 -26.50
C GLY B 34 -5.98 5.03 -27.64
N ILE B 35 -4.67 4.86 -27.57
CA ILE B 35 -3.74 5.31 -28.59
C ILE B 35 -2.89 4.13 -29.05
N SER B 36 -2.06 4.37 -30.06
CA SER B 36 -1.19 3.35 -30.63
C SER B 36 0.02 3.11 -29.73
N LEU B 37 0.68 1.96 -29.95
CA LEU B 37 1.91 1.65 -29.22
C LEU B 37 2.98 2.69 -29.50
N ASP B 38 3.08 3.16 -30.74
CA ASP B 38 4.05 4.20 -31.08
C ASP B 38 3.79 5.47 -30.29
N ASP B 39 2.51 5.85 -30.15
CA ASP B 39 2.18 7.06 -29.41
C ASP B 39 2.55 6.92 -27.94
N SER B 40 2.27 5.76 -27.35
CA SER B 40 2.65 5.50 -25.97
C SER B 40 4.15 5.59 -25.78
N TYR B 41 4.92 5.06 -26.74
CA TYR B 41 6.37 5.15 -26.62
C TYR B 41 6.89 6.56 -26.85
N ALA B 42 6.18 7.38 -27.63
CA ALA B 42 6.54 8.79 -27.74
C ALA B 42 6.35 9.50 -26.41
N ALA B 43 5.22 9.21 -25.74
CA ALA B 43 5.02 9.72 -24.38
C ALA B 43 6.11 9.22 -23.45
N MET B 44 6.57 7.97 -23.66
CA MET B 44 7.68 7.46 -22.86
C MET B 44 8.95 8.24 -23.12
N THR B 45 9.18 8.63 -24.38
CA THR B 45 10.37 9.43 -24.70
C THR B 45 10.35 10.75 -23.93
N ASP B 46 9.23 11.48 -24.01
CA ASP B 46 9.10 12.71 -23.24
C ASP B 46 9.32 12.45 -21.75
N LYS B 47 8.68 11.40 -21.23
CA LYS B 47 8.76 11.13 -19.80
C LYS B 47 10.19 10.79 -19.37
N LEU B 48 10.94 10.11 -20.24
CA LEU B 48 12.33 9.78 -19.89
C LEU B 48 13.23 11.00 -19.95
N VAL B 49 12.99 11.92 -20.89
CA VAL B 49 13.71 13.18 -20.88
C VAL B 49 13.45 13.92 -19.56
N GLU B 50 12.17 13.99 -19.17
CA GLU B 50 11.82 14.55 -17.87
C GLU B 50 12.58 13.86 -16.73
N PHE B 51 12.55 12.53 -16.70
CA PHE B 51 13.19 11.78 -15.63
C PHE B 51 14.68 12.07 -15.56
N THR B 52 15.34 12.15 -16.71
CA THR B 52 16.76 12.51 -16.72
C THR B 52 16.97 13.87 -16.09
N GLY B 53 16.12 14.85 -16.43
CA GLY B 53 16.21 16.15 -15.79
C GLY B 53 16.03 16.06 -14.28
N TRP B 54 15.02 15.33 -13.82
CA TRP B 54 14.76 15.20 -12.39
C TRP B 54 15.94 14.56 -11.67
N ALA B 55 16.46 13.46 -12.22
CA ALA B 55 17.59 12.78 -11.61
C ALA B 55 18.81 13.69 -11.54
N ARG B 56 19.03 14.50 -12.57
CA ARG B 56 20.16 15.42 -12.53
C ARG B 56 19.97 16.49 -11.46
N GLU B 57 18.75 17.03 -11.34
CA GLU B 57 18.48 18.05 -10.34
C GLU B 57 18.63 17.52 -8.93
N GLU B 58 18.40 16.22 -8.71
CA GLU B 58 18.48 15.63 -7.38
C GLU B 58 19.90 15.20 -7.01
N GLY B 59 20.88 15.53 -7.83
CA GLY B 59 22.27 15.29 -7.49
C GLY B 59 22.82 13.92 -7.79
N PHE B 60 22.06 13.07 -8.50
CA PHE B 60 22.61 11.77 -8.89
C PHE B 60 23.67 11.97 -9.96
N THR B 61 24.82 11.30 -9.79
CA THR B 61 25.90 11.41 -10.77
C THR B 61 25.56 10.65 -12.05
N THR B 62 24.95 9.47 -11.92
CA THR B 62 24.59 8.65 -13.07
C THR B 62 23.15 8.16 -12.92
N PHE B 63 22.40 8.25 -14.02
CA PHE B 63 21.03 7.76 -14.11
C PHE B 63 21.02 6.55 -15.06
N TYR B 64 20.78 5.36 -14.51
CA TYR B 64 20.73 4.16 -15.32
C TYR B 64 19.30 3.87 -15.76
N VAL B 65 19.14 3.51 -17.03
CA VAL B 65 17.86 3.11 -17.57
C VAL B 65 18.02 1.74 -18.21
N THR B 66 17.29 0.76 -17.72
CA THR B 66 17.30 -0.61 -18.25
C THR B 66 16.43 -0.65 -19.49
N VAL B 67 17.07 -0.48 -20.65
CA VAL B 67 16.33 -0.31 -21.91
C VAL B 67 15.62 -1.60 -22.29
N SER B 68 16.30 -2.74 -22.20
CA SER B 68 15.74 -3.98 -22.73
C SER B 68 16.44 -5.18 -22.12
N SER B 69 15.72 -6.30 -22.14
CA SER B 69 16.27 -7.61 -21.81
C SER B 69 16.54 -8.38 -23.09
N VAL B 70 17.22 -9.53 -22.92
CA VAL B 70 17.43 -10.42 -24.06
C VAL B 70 16.09 -10.92 -24.59
N ALA B 71 15.18 -11.28 -23.68
CA ALA B 71 13.87 -11.79 -24.11
C ALA B 71 13.08 -10.75 -24.88
N ASN B 72 13.27 -9.46 -24.55
CA ASN B 72 12.54 -8.40 -25.24
C ASN B 72 12.76 -8.43 -26.75
N TYR B 73 13.94 -8.83 -27.20
CA TYR B 73 14.21 -8.85 -28.63
C TYR B 73 13.61 -10.05 -29.33
N SER B 74 12.91 -10.91 -28.59
CA SER B 74 12.07 -11.95 -29.18
C SER B 74 10.68 -11.43 -29.52
N ARG B 75 10.37 -10.17 -29.19
CA ARG B 75 9.12 -9.58 -29.63
C ARG B 75 9.13 -9.38 -31.14
N SER B 76 8.00 -8.94 -31.66
CA SER B 76 7.90 -8.70 -33.10
C SER B 76 8.81 -7.56 -33.52
N GLU B 77 9.16 -7.55 -34.81
CA GLU B 77 9.98 -6.48 -35.34
C GLU B 77 9.37 -5.10 -35.10
N GLU B 78 8.05 -4.98 -35.25
CA GLU B 78 7.41 -3.68 -35.01
C GLU B 78 7.63 -3.23 -33.57
N GLN B 79 7.42 -4.14 -32.61
CA GLN B 79 7.56 -3.79 -31.21
C GLN B 79 8.99 -3.41 -30.85
N VAL B 80 9.96 -4.19 -31.33
CA VAL B 80 11.37 -3.87 -31.10
C VAL B 80 11.73 -2.52 -31.70
N THR B 81 11.26 -2.26 -32.93
CA THR B 81 11.54 -0.99 -33.58
C THR B 81 10.92 0.18 -32.82
N THR B 82 9.68 0.02 -32.36
CA THR B 82 9.02 1.07 -31.60
C THR B 82 9.82 1.40 -30.33
N ALA B 83 10.15 0.38 -29.54
CA ALA B 83 10.86 0.61 -28.29
C ALA B 83 12.23 1.21 -28.53
N MET B 84 13.04 0.57 -29.38
CA MET B 84 14.39 1.04 -29.62
C MET B 84 14.40 2.45 -30.20
N ASN B 85 13.42 2.77 -31.05
CA ASN B 85 13.34 4.12 -31.58
C ASN B 85 13.04 5.14 -30.50
N ALA B 86 12.09 4.83 -29.60
CA ALA B 86 11.76 5.78 -28.54
C ALA B 86 12.96 6.00 -27.61
N PHE B 87 13.60 4.91 -27.17
CA PHE B 87 14.76 5.04 -26.30
C PHE B 87 15.89 5.81 -26.99
N THR B 88 16.15 5.50 -28.27
CA THR B 88 17.20 6.22 -28.98
C THR B 88 16.84 7.69 -29.14
N GLU B 89 15.55 7.99 -29.32
CA GLU B 89 15.12 9.38 -29.44
C GLU B 89 15.43 10.17 -28.17
N VAL B 90 15.33 9.51 -27.00
CA VAL B 90 15.75 10.17 -25.77
C VAL B 90 17.18 10.67 -25.88
N VAL B 91 18.09 9.80 -26.35
CA VAL B 91 19.49 10.19 -26.51
C VAL B 91 19.63 11.26 -27.58
N ARG B 92 18.82 11.19 -28.64
CA ARG B 92 18.85 12.23 -29.66
C ARG B 92 18.57 13.59 -29.04
N ARG B 93 17.67 13.63 -28.06
CA ARG B 93 17.29 14.89 -27.43
C ARG B 93 18.27 15.34 -26.35
N CYS B 94 18.91 14.41 -25.63
CA CYS B 94 19.69 14.78 -24.45
C CYS B 94 21.19 14.62 -24.61
N HIS B 95 21.68 14.08 -25.72
CA HIS B 95 23.09 13.69 -25.78
C HIS B 95 24.03 14.90 -25.70
N ASP B 96 23.56 16.08 -26.11
CA ASP B 96 24.42 17.25 -26.19
C ASP B 96 24.74 17.86 -24.83
N THR B 97 23.91 17.64 -23.81
CA THR B 97 24.06 18.30 -22.53
C THR B 97 24.51 17.38 -21.41
N LEU B 98 24.82 16.13 -21.70
CA LEU B 98 25.24 15.19 -20.66
C LEU B 98 26.20 14.17 -21.26
N ASN B 99 26.78 13.35 -20.39
CA ASN B 99 27.64 12.25 -20.80
C ASN B 99 26.78 11.01 -21.00
N PHE B 100 26.83 10.45 -22.20
CA PHE B 100 26.06 9.25 -22.52
C PHE B 100 26.98 8.05 -22.68
N ASN B 101 26.51 6.91 -22.19
CA ASN B 101 27.23 5.64 -22.29
C ASN B 101 26.19 4.52 -22.32
N TYR B 102 26.64 3.33 -22.73
CA TYR B 102 25.73 2.20 -22.80
C TYR B 102 26.54 0.91 -22.70
N SER B 103 25.83 -0.18 -22.44
CA SER B 103 26.44 -1.50 -22.26
C SER B 103 25.34 -2.55 -22.32
N GLY B 104 25.73 -3.82 -22.22
CA GLY B 104 24.82 -4.94 -22.17
C GLY B 104 25.21 -6.01 -23.16
N THR B 105 24.27 -6.91 -23.44
CA THR B 105 24.47 -7.98 -24.42
C THR B 105 24.26 -7.35 -25.81
N LEU B 106 25.31 -6.66 -26.27
CA LEU B 106 25.17 -5.81 -27.45
C LEU B 106 24.88 -6.61 -28.71
N GLU B 107 25.29 -7.88 -28.76
CA GLU B 107 25.12 -8.65 -29.99
C GLU B 107 23.66 -8.95 -30.31
N VAL B 108 22.75 -8.81 -29.34
CA VAL B 108 21.34 -9.03 -29.61
C VAL B 108 20.60 -7.76 -29.98
N VAL B 109 21.28 -6.61 -29.94
CA VAL B 109 20.68 -5.34 -30.35
C VAL B 109 20.87 -5.18 -31.84
N PRO B 110 19.81 -4.85 -32.60
CA PRO B 110 19.96 -4.67 -34.06
C PRO B 110 21.00 -3.62 -34.39
N GLU B 111 21.80 -3.91 -35.43
CA GLU B 111 22.95 -3.07 -35.74
C GLU B 111 22.58 -1.63 -36.01
N ARG B 112 21.42 -1.37 -36.64
CA ARG B 112 21.05 0.03 -36.91
C ARG B 112 21.05 0.85 -35.61
N TRP B 113 20.46 0.30 -34.56
CA TRP B 113 20.34 1.05 -33.31
C TRP B 113 21.68 1.16 -32.61
N LEU B 114 22.50 0.11 -32.65
CA LEU B 114 23.84 0.19 -32.07
C LEU B 114 24.67 1.24 -32.81
N THR B 115 24.54 1.31 -34.13
CA THR B 115 25.27 2.30 -34.90
C THR B 115 24.87 3.70 -34.47
N GLU B 116 23.57 3.98 -34.44
CA GLU B 116 23.13 5.32 -34.08
C GLU B 116 23.52 5.67 -32.64
N LEU B 117 23.34 4.72 -31.72
CA LEU B 117 23.67 4.99 -30.31
C LEU B 117 25.17 5.18 -30.10
N GLU B 118 26.00 4.45 -30.85
CA GLU B 118 27.44 4.67 -30.79
C GLU B 118 27.79 6.07 -31.29
N ALA B 119 27.22 6.48 -32.42
CA ALA B 119 27.47 7.83 -32.91
C ALA B 119 27.04 8.88 -31.90
N LEU B 120 25.88 8.67 -31.26
CA LEU B 120 25.41 9.61 -30.25
C LEU B 120 26.32 9.62 -29.03
N ARG B 121 26.86 8.45 -28.65
CA ARG B 121 27.78 8.41 -27.52
C ARG B 121 29.05 9.18 -27.80
N ALA B 122 29.58 9.06 -29.03
CA ALA B 122 30.79 9.78 -29.39
C ALA B 122 30.55 11.30 -29.37
N LYS B 123 29.35 11.74 -29.70
CA LYS B 123 29.03 13.16 -29.74
C LYS B 123 28.57 13.72 -28.39
N SER B 124 28.50 12.90 -27.35
CA SER B 124 27.99 13.37 -26.07
C SER B 124 29.06 14.15 -25.31
N ASP B 125 28.60 14.89 -24.31
CA ASP B 125 29.47 15.74 -23.49
C ASP B 125 30.16 14.87 -22.45
N SER B 126 31.34 14.36 -22.82
CA SER B 126 32.12 13.50 -21.93
C SER B 126 32.66 14.22 -20.70
N GLN B 127 32.48 15.54 -20.60
CA GLN B 127 32.90 16.33 -19.44
C GLN B 127 31.76 16.65 -18.50
N SER B 128 30.54 16.22 -18.80
CA SER B 128 29.45 16.51 -17.91
C SER B 128 29.63 15.74 -16.61
N ASP B 129 29.22 16.36 -15.50
CA ASP B 129 29.25 15.68 -14.22
C ASP B 129 28.06 14.77 -14.02
N PHE B 130 27.20 14.66 -15.04
CA PHE B 130 26.02 13.80 -15.00
C PHE B 130 26.06 12.86 -16.20
N THR B 131 25.70 11.60 -15.97
CA THR B 131 25.77 10.56 -16.98
C THR B 131 24.41 9.89 -17.14
N LEU B 132 23.97 9.73 -18.38
CA LEU B 132 22.84 8.89 -18.72
C LEU B 132 23.37 7.59 -19.32
N HIS B 133 23.02 6.46 -18.74
CA HIS B 133 23.57 5.17 -19.13
C HIS B 133 22.45 4.20 -19.45
N PHE B 134 22.41 3.73 -20.70
CA PHE B 134 21.48 2.70 -21.13
C PHE B 134 22.12 1.32 -20.98
N ILE B 135 21.34 0.36 -20.49
CA ILE B 135 21.74 -1.04 -20.50
C ILE B 135 20.73 -1.80 -21.36
N MET B 136 21.23 -2.48 -22.39
CA MET B 136 20.40 -3.18 -23.36
C MET B 136 20.71 -4.66 -23.35
N GLY B 137 19.68 -5.46 -23.65
CA GLY B 137 19.84 -6.91 -23.63
C GLY B 137 20.23 -7.45 -22.27
N MET B 138 19.61 -6.95 -21.20
CA MET B 138 19.95 -7.39 -19.86
C MET B 138 19.54 -8.84 -19.64
N SER B 139 20.42 -9.59 -18.98
CA SER B 139 20.19 -10.97 -18.59
C SER B 139 21.42 -11.45 -17.82
N LEU B 140 21.23 -11.83 -16.56
CA LEU B 140 22.37 -12.20 -15.73
C LEU B 140 23.12 -13.39 -16.34
N ALA B 141 22.39 -14.35 -16.92
CA ALA B 141 23.02 -15.48 -17.57
C ALA B 141 23.92 -15.03 -18.72
N HIS B 142 23.37 -14.18 -19.60
CA HIS B 142 24.14 -13.70 -20.74
C HIS B 142 25.28 -12.78 -20.30
N GLU B 143 25.07 -11.99 -19.25
CA GLU B 143 26.14 -11.14 -18.73
C GLU B 143 27.31 -11.99 -18.24
N VAL B 144 27.01 -13.03 -17.45
CA VAL B 144 28.05 -13.91 -16.93
C VAL B 144 28.75 -14.64 -18.08
N ILE B 145 27.97 -15.13 -19.04
CA ILE B 145 28.55 -15.84 -20.18
C ILE B 145 29.47 -14.93 -20.98
N GLY B 146 29.05 -13.67 -21.17
CA GLY B 146 29.88 -12.73 -21.89
C GLY B 146 31.17 -12.39 -21.16
N ILE B 147 31.09 -12.22 -19.84
CA ILE B 147 32.29 -11.93 -19.06
C ILE B 147 33.25 -13.12 -19.12
N PHE B 148 32.74 -14.33 -18.89
CA PHE B 148 33.57 -15.52 -19.00
C PHE B 148 34.23 -15.61 -20.37
N ASN B 149 33.43 -15.50 -21.43
CA ASN B 149 33.98 -15.60 -22.78
C ASN B 149 35.02 -14.52 -23.04
N LYS B 150 34.84 -13.34 -22.45
CA LYS B 150 35.81 -12.26 -22.63
C LYS B 150 37.13 -12.56 -21.95
N PHE B 151 37.10 -13.10 -20.74
CA PHE B 151 38.33 -13.30 -19.97
C PHE B 151 38.80 -14.74 -19.93
N ASN B 152 38.17 -15.63 -20.69
CA ASN B 152 38.52 -17.05 -20.65
C ASN B 152 39.97 -17.26 -21.07
N GLY B 153 40.79 -17.76 -20.14
CA GLY B 153 42.18 -18.06 -20.41
C GLY B 153 43.10 -16.86 -20.38
N LYS B 154 42.57 -15.64 -20.30
CA LYS B 154 43.37 -14.43 -20.28
C LYS B 154 43.75 -13.97 -18.89
N ILE B 155 43.18 -14.55 -17.84
CA ILE B 155 43.51 -14.17 -16.46
C ILE B 155 43.68 -15.41 -15.62
N PRO B 156 44.49 -15.32 -14.56
CA PRO B 156 44.66 -16.50 -13.70
C PRO B 156 43.41 -16.83 -12.90
N ALA B 157 42.66 -15.82 -12.47
CA ALA B 157 41.43 -16.03 -11.72
C ALA B 157 40.61 -14.76 -11.76
N LEU B 158 39.29 -14.91 -11.72
CA LEU B 158 38.39 -13.76 -11.69
C LEU B 158 38.30 -13.23 -10.27
N THR B 159 38.48 -11.92 -10.13
CA THR B 159 38.40 -11.23 -8.85
C THR B 159 37.14 -10.37 -8.79
N GLU B 160 36.81 -9.94 -7.58
CA GLU B 160 35.67 -9.03 -7.42
C GLU B 160 35.94 -7.71 -8.15
N GLU B 161 37.20 -7.28 -8.21
CA GLU B 161 37.52 -6.02 -8.86
C GLU B 161 37.28 -6.11 -10.37
N LEU B 162 37.76 -7.20 -10.99
CA LEU B 162 37.56 -7.39 -12.43
C LEU B 162 36.09 -7.55 -12.76
N LEU B 163 35.38 -8.39 -11.99
CA LEU B 163 33.95 -8.58 -12.19
C LEU B 163 33.20 -7.26 -12.11
N ALA B 164 33.54 -6.43 -11.12
CA ALA B 164 32.89 -5.14 -10.99
C ALA B 164 33.23 -4.22 -12.16
N ALA B 165 34.47 -4.30 -12.64
CA ALA B 165 34.90 -3.45 -13.73
C ALA B 165 34.36 -3.89 -15.08
N ASN B 166 33.81 -5.09 -15.21
CA ASN B 166 33.28 -5.54 -16.49
C ASN B 166 31.80 -5.90 -16.48
N ALA B 167 31.10 -5.71 -15.38
CA ALA B 167 29.66 -5.95 -15.39
C ALA B 167 28.95 -4.89 -16.22
N TYR B 168 27.74 -5.22 -16.69
CA TYR B 168 26.98 -4.28 -17.50
C TYR B 168 26.80 -2.95 -16.78
N VAL B 169 26.37 -2.99 -15.52
CA VAL B 169 26.27 -1.79 -14.69
C VAL B 169 27.62 -1.62 -13.99
N PRO B 170 28.38 -0.57 -14.31
CA PRO B 170 29.77 -0.49 -13.85
C PRO B 170 29.97 -0.08 -12.40
N GLU B 171 28.92 0.04 -11.60
CA GLU B 171 29.06 0.42 -10.21
C GLU B 171 27.85 -0.11 -9.45
N PRO B 172 27.94 -0.18 -8.12
CA PRO B 172 26.75 -0.57 -7.34
C PRO B 172 25.64 0.45 -7.51
N VAL B 173 24.41 -0.06 -7.60
CA VAL B 173 23.23 0.80 -7.73
C VAL B 173 22.73 1.13 -6.33
N ASP B 174 22.49 2.42 -6.07
CA ASP B 174 21.94 2.81 -4.77
C ASP B 174 20.43 2.60 -4.74
N PHE B 175 19.71 3.27 -5.65
CA PHE B 175 18.27 3.23 -5.67
C PHE B 175 17.78 2.68 -7.00
N LEU B 176 16.74 1.86 -6.95
CA LEU B 176 16.13 1.23 -8.12
C LEU B 176 14.63 1.48 -8.05
N ILE B 177 14.07 2.04 -9.12
CA ILE B 177 12.66 2.41 -9.14
C ILE B 177 11.97 1.68 -10.29
N ARG B 178 10.85 1.03 -9.98
CA ARG B 178 10.00 0.40 -10.99
C ARG B 178 8.56 0.85 -10.81
N PRO B 179 8.09 1.76 -11.65
CA PRO B 179 6.66 2.04 -11.74
C PRO B 179 5.96 0.97 -12.57
N GLY B 180 4.63 1.01 -12.57
CA GLY B 180 3.83 0.16 -13.40
C GLY B 180 3.13 -0.99 -12.70
N GLY B 181 3.35 -1.17 -11.40
CA GLY B 181 2.59 -2.13 -10.62
C GLY B 181 3.13 -3.54 -10.60
N HIS B 182 4.12 -3.86 -11.41
CA HIS B 182 4.71 -5.19 -11.39
C HIS B 182 5.89 -5.21 -10.43
N VAL B 183 5.82 -6.11 -9.44
CA VAL B 183 6.90 -6.26 -8.47
C VAL B 183 7.79 -7.42 -8.92
N ARG B 184 8.72 -7.13 -9.81
CA ARG B 184 9.62 -8.13 -10.39
C ARG B 184 10.74 -7.38 -11.10
N MET B 185 11.81 -8.11 -11.43
CA MET B 185 12.91 -7.50 -12.14
C MET B 185 12.81 -7.69 -13.64
N SER B 186 12.11 -8.72 -14.09
CA SER B 186 11.92 -9.03 -15.51
C SER B 186 13.22 -8.91 -16.29
N SER B 187 14.28 -9.52 -15.75
CA SER B 187 15.62 -9.65 -16.33
C SER B 187 16.48 -8.39 -16.20
N PHE B 188 16.08 -7.42 -15.37
CA PHE B 188 16.75 -6.13 -15.28
C PHE B 188 17.62 -5.99 -14.03
N TYR B 189 17.84 -7.06 -13.28
CA TYR B 189 18.54 -6.95 -12.01
C TYR B 189 20.01 -6.61 -12.21
N PRO B 190 20.53 -5.58 -11.53
CA PRO B 190 21.94 -5.21 -11.66
C PRO B 190 22.80 -6.17 -10.85
N LEU B 191 23.78 -6.79 -11.52
CA LEU B 191 24.52 -7.92 -10.94
C LEU B 191 25.24 -7.52 -9.65
N MET B 192 25.97 -6.41 -9.67
CA MET B 192 26.88 -6.04 -8.58
C MET B 192 26.26 -5.03 -7.62
N SER B 193 24.98 -5.16 -7.29
CA SER B 193 24.30 -4.23 -6.39
C SER B 193 23.66 -4.98 -5.22
N PRO B 194 24.48 -5.56 -4.34
CA PRO B 194 23.91 -6.28 -3.19
C PRO B 194 23.22 -5.37 -2.19
N PHE B 195 23.53 -4.07 -2.17
CA PHE B 195 22.96 -3.16 -1.19
C PHE B 195 21.97 -2.19 -1.82
N ALA B 196 21.45 -2.53 -3.00
CA ALA B 196 20.50 -1.65 -3.68
C ALA B 196 19.15 -1.67 -2.97
N GLU B 197 18.54 -0.49 -2.84
CA GLU B 197 17.19 -0.35 -2.31
C GLU B 197 16.22 -0.27 -3.48
N MET B 198 15.12 -1.02 -3.39
CA MET B 198 14.13 -1.09 -4.46
C MET B 198 12.85 -0.37 -4.02
N TYR B 199 12.24 0.31 -4.98
CA TYR B 199 10.96 0.99 -4.79
C TYR B 199 10.07 0.63 -5.96
N PHE B 200 8.89 0.12 -5.65
CA PHE B 200 7.89 -0.24 -6.66
C PHE B 200 6.67 0.64 -6.45
N CYS B 201 6.05 1.07 -7.54
CA CYS B 201 4.79 1.78 -7.39
C CYS B 201 3.85 1.43 -8.53
N PRO B 202 2.54 1.43 -8.26
CA PRO B 202 1.58 1.05 -9.31
C PRO B 202 1.45 2.09 -10.41
N THR B 203 1.76 3.35 -10.14
CA THR B 203 1.61 4.40 -11.15
C THR B 203 2.40 4.04 -12.41
N LEU B 204 1.72 4.11 -13.56
CA LEU B 204 2.40 3.83 -14.82
C LEU B 204 3.48 4.86 -15.07
N LEU B 205 4.52 4.45 -15.80
CA LEU B 205 5.65 5.33 -16.05
C LEU B 205 5.20 6.62 -16.72
N ASN B 206 4.33 6.51 -17.74
CA ASN B 206 3.88 7.69 -18.47
C ASN B 206 2.97 8.58 -17.64
N ASP B 207 2.46 8.10 -16.51
CA ASP B 207 1.67 8.93 -15.60
C ASP B 207 2.51 9.51 -14.45
N MET B 208 3.78 9.12 -14.37
CA MET B 208 4.63 9.57 -13.28
C MET B 208 4.89 11.07 -13.35
N THR B 209 4.65 11.76 -12.24
CA THR B 209 4.93 13.18 -12.10
C THR B 209 6.21 13.39 -11.28
N ARG B 210 6.67 14.65 -11.25
CA ARG B 210 7.80 14.99 -10.41
C ARG B 210 7.51 14.70 -8.94
N ALA B 211 6.27 14.89 -8.51
CA ALA B 211 5.91 14.61 -7.12
C ALA B 211 6.01 13.12 -6.82
N ASP B 212 5.58 12.26 -7.75
CA ASP B 212 5.74 10.83 -7.57
C ASP B 212 7.21 10.47 -7.39
N PHE B 213 8.06 11.02 -8.25
CA PHE B 213 9.51 10.84 -8.11
C PHE B 213 10.01 11.30 -6.75
N ASP B 214 9.51 12.44 -6.28
CA ASP B 214 9.99 13.00 -5.01
C ASP B 214 9.57 12.14 -3.83
N VAL B 215 8.32 11.65 -3.81
CA VAL B 215 7.91 10.81 -2.69
C VAL B 215 8.62 9.46 -2.77
N ALA B 216 8.90 8.97 -3.99
CA ALA B 216 9.74 7.78 -4.14
C ALA B 216 11.10 8.01 -3.50
N LEU B 217 11.70 9.18 -3.73
CA LEU B 217 13.00 9.47 -3.13
C LEU B 217 12.88 9.65 -1.63
N GLU B 218 11.75 10.16 -1.14
CA GLU B 218 11.55 10.18 0.30
C GLU B 218 11.59 8.75 0.82
N ASP B 219 10.80 7.87 0.23
CA ASP B 219 10.76 6.47 0.66
C ASP B 219 12.15 5.84 0.65
N LEU B 220 12.89 6.05 -0.44
CA LEU B 220 14.20 5.41 -0.57
C LEU B 220 15.19 5.97 0.43
N ARG B 221 15.15 7.28 0.69
CA ARG B 221 16.08 7.91 1.62
C ARG B 221 15.69 7.73 3.09
N GLU B 222 14.43 7.41 3.39
CA GLU B 222 13.98 7.16 4.76
C GLU B 222 14.53 5.87 5.35
N ARG B 223 14.98 4.95 4.51
CA ARG B 223 15.17 3.57 4.95
C ARG B 223 16.34 3.42 5.90
N ASP B 224 17.51 3.91 5.52
CA ASP B 224 18.68 3.79 6.40
C ASP B 224 18.76 4.92 7.41
N LYS C 14 -17.05 27.23 -13.85
CA LYS C 14 -15.99 27.36 -12.85
C LYS C 14 -16.20 26.35 -11.71
N MET C 15 -15.39 25.30 -11.69
CA MET C 15 -15.54 24.25 -10.68
C MET C 15 -15.02 24.73 -9.34
N MET C 16 -15.68 24.28 -8.26
CA MET C 16 -15.50 24.83 -6.91
C MET C 16 -15.24 23.71 -5.91
N THR C 17 -13.97 23.38 -5.69
CA THR C 17 -13.59 22.35 -4.73
C THR C 17 -13.06 22.97 -3.44
N ASN C 18 -13.14 22.20 -2.36
CA ASN C 18 -12.59 22.58 -1.06
C ASN C 18 -11.79 21.42 -0.50
N LEU C 19 -11.04 21.67 0.58
CA LEU C 19 -10.15 20.67 1.15
C LEU C 19 -10.22 20.71 2.66
N MET C 20 -10.13 19.54 3.31
CA MET C 20 -10.17 19.44 4.76
C MET C 20 -9.00 18.61 5.27
N LEU C 21 -8.31 19.12 6.29
CA LEU C 21 -7.15 18.47 6.89
C LEU C 21 -7.44 18.05 8.32
N LEU C 22 -7.10 16.81 8.66
CA LEU C 22 -7.22 16.31 10.02
C LEU C 22 -5.84 16.19 10.66
N PRO C 23 -5.44 17.14 11.51
CA PRO C 23 -4.11 17.08 12.12
C PRO C 23 -4.05 16.19 13.36
N ASP C 24 -2.92 15.51 13.52
CA ASP C 24 -2.64 14.67 14.69
C ASP C 24 -1.17 14.29 14.67
N GLY C 25 -0.70 13.68 15.76
CA GLY C 25 0.64 13.15 15.81
C GLY C 25 1.73 14.07 16.32
N MET C 26 1.43 14.95 17.26
CA MET C 26 2.45 15.84 17.81
C MET C 26 3.29 15.16 18.87
N ARG C 27 2.65 14.32 19.70
CA ARG C 27 3.37 13.51 20.68
C ARG C 27 4.36 12.59 19.99
N ARG C 28 3.89 11.87 18.96
CA ARG C 28 4.77 10.97 18.23
C ARG C 28 5.90 11.71 17.55
N TRP C 29 5.62 12.89 16.98
CA TRP C 29 6.69 13.62 16.30
C TRP C 29 7.72 14.13 17.31
N SER C 30 7.26 14.57 18.48
CA SER C 30 8.21 14.95 19.52
C SER C 30 9.06 13.76 19.94
N GLN C 31 8.46 12.57 19.98
CA GLN C 31 9.23 11.37 20.30
C GLN C 31 10.27 11.06 19.23
N LYS C 32 9.86 11.14 17.96
CA LYS C 32 10.76 10.80 16.86
C LYS C 32 11.92 11.78 16.75
N GLN C 33 11.66 13.07 16.99
CA GLN C 33 12.72 14.05 16.83
C GLN C 33 13.51 14.29 18.11
N GLY C 34 13.07 13.77 19.24
CA GLY C 34 13.76 14.02 20.49
C GLY C 34 13.72 15.48 20.91
N ILE C 35 12.57 16.12 20.74
CA ILE C 35 12.40 17.52 21.11
C ILE C 35 11.22 17.63 22.07
N SER C 36 10.98 18.83 22.58
CA SER C 36 9.88 19.02 23.51
C SER C 36 8.55 19.04 22.77
N LEU C 37 7.48 18.80 23.52
CA LEU C 37 6.14 18.87 22.95
C LEU C 37 5.85 20.27 22.41
N ASP C 38 6.33 21.30 23.11
CA ASP C 38 6.15 22.66 22.64
C ASP C 38 6.78 22.86 21.27
N ASP C 39 8.00 22.36 21.08
CA ASP C 39 8.66 22.49 19.78
C ASP C 39 7.90 21.72 18.70
N SER C 40 7.38 20.55 19.06
CA SER C 40 6.56 19.79 18.11
C SER C 40 5.34 20.61 17.67
N TYR C 41 4.70 21.30 18.61
CA TYR C 41 3.53 22.10 18.24
C TYR C 41 3.92 23.36 17.47
N ALA C 42 5.12 23.90 17.71
CA ALA C 42 5.59 25.01 16.89
C ALA C 42 5.83 24.56 15.46
N ALA C 43 6.44 23.40 15.28
CA ALA C 43 6.56 22.82 13.95
C ALA C 43 5.20 22.56 13.32
N MET C 44 4.20 22.19 14.14
CA MET C 44 2.86 22.05 13.62
C MET C 44 2.30 23.38 13.12
N THR C 45 2.61 24.47 13.84
CA THR C 45 2.18 25.79 13.39
C THR C 45 2.79 26.13 12.03
N ASP C 46 4.11 25.96 11.92
CA ASP C 46 4.78 26.21 10.64
C ASP C 46 4.16 25.37 9.53
N LYS C 47 3.97 24.07 9.78
CA LYS C 47 3.44 23.18 8.76
C LYS C 47 2.02 23.55 8.35
N LEU C 48 1.21 24.04 9.30
CA LEU C 48 -0.15 24.43 8.95
C LEU C 48 -0.16 25.71 8.12
N VAL C 49 0.75 26.63 8.40
CA VAL C 49 0.90 27.80 7.51
C VAL C 49 1.26 27.34 6.10
N GLU C 50 2.24 26.43 6.00
CA GLU C 50 2.59 25.84 4.71
C GLU C 50 1.37 25.24 4.02
N PHE C 51 0.62 24.41 4.74
CA PHE C 51 -0.53 23.73 4.17
C PHE C 51 -1.57 24.71 3.67
N THR C 52 -1.82 25.77 4.43
CA THR C 52 -2.76 26.80 3.98
C THR C 52 -2.27 27.42 2.67
N GLY C 53 -0.97 27.72 2.59
CA GLY C 53 -0.43 28.23 1.34
C GLY C 53 -0.64 27.26 0.18
N TRP C 54 -0.34 25.98 0.41
CA TRP C 54 -0.48 24.96 -0.63
C TRP C 54 -1.92 24.87 -1.11
N ALA C 55 -2.86 24.82 -0.16
CA ALA C 55 -4.27 24.74 -0.50
C ALA C 55 -4.69 25.96 -1.32
N ARG C 56 -4.18 27.14 -0.97
CA ARG C 56 -4.52 28.33 -1.74
C ARG C 56 -3.96 28.26 -3.16
N GLU C 57 -2.70 27.82 -3.31
CA GLU C 57 -2.12 27.72 -4.65
C GLU C 57 -2.87 26.71 -5.50
N GLU C 58 -3.47 25.68 -4.89
CA GLU C 58 -4.15 24.63 -5.62
C GLU C 58 -5.59 24.98 -5.98
N GLY C 59 -6.03 26.20 -5.70
CA GLY C 59 -7.33 26.65 -6.16
C GLY C 59 -8.49 26.24 -5.29
N PHE C 60 -8.24 25.67 -4.12
CA PHE C 60 -9.33 25.32 -3.23
C PHE C 60 -9.98 26.58 -2.69
N THR C 61 -11.32 26.59 -2.70
CA THR C 61 -12.04 27.75 -2.22
C THR C 61 -11.90 27.90 -0.71
N THR C 62 -11.99 26.80 0.03
CA THR C 62 -11.84 26.82 1.48
C THR C 62 -10.95 25.68 1.92
N PHE C 63 -10.06 25.98 2.86
CA PHE C 63 -9.22 25.00 3.53
C PHE C 63 -9.70 24.89 4.97
N TYR C 64 -10.30 23.75 5.29
CA TYR C 64 -10.78 23.45 6.63
C TYR C 64 -9.71 22.70 7.39
N VAL C 65 -9.57 23.03 8.67
CA VAL C 65 -8.66 22.31 9.57
C VAL C 65 -9.47 21.87 10.77
N THR C 66 -9.54 20.56 11.00
CA THR C 66 -10.27 20.05 12.16
C THR C 66 -9.37 20.22 13.38
N VAL C 67 -9.51 21.37 14.05
CA VAL C 67 -8.56 21.75 15.10
C VAL C 67 -8.67 20.83 16.30
N SER C 68 -9.89 20.52 16.74
CA SER C 68 -10.03 19.78 17.98
C SER C 68 -11.39 19.12 18.05
N SER C 69 -11.45 18.08 18.85
CA SER C 69 -12.70 17.42 19.24
C SER C 69 -13.10 17.89 20.64
N VAL C 70 -14.32 17.52 21.03
CA VAL C 70 -14.75 17.81 22.40
C VAL C 70 -13.84 17.10 23.39
N ALA C 71 -13.46 15.86 23.08
CA ALA C 71 -12.64 15.07 24.01
C ALA C 71 -11.29 15.72 24.26
N ASN C 72 -10.74 16.44 23.28
CA ASN C 72 -9.43 17.07 23.46
C ASN C 72 -9.40 18.00 24.65
N TYR C 73 -10.51 18.65 24.97
CA TYR C 73 -10.54 19.60 26.07
C TYR C 73 -10.66 18.92 27.43
N SER C 74 -10.66 17.59 27.48
CA SER C 74 -10.55 16.88 28.74
C SER C 74 -9.10 16.69 29.17
N ARG C 75 -8.14 17.06 28.34
CA ARG C 75 -6.73 17.00 28.69
C ARG C 75 -6.40 18.06 29.75
N SER C 76 -5.16 18.04 30.22
CA SER C 76 -4.72 19.01 31.20
C SER C 76 -4.70 20.41 30.59
N GLU C 77 -4.78 21.42 31.47
CA GLU C 77 -4.76 22.81 31.02
C GLU C 77 -3.51 23.12 30.20
N GLU C 78 -2.36 22.54 30.58
CA GLU C 78 -1.14 22.80 29.82
C GLU C 78 -1.26 22.36 28.36
N GLN C 79 -1.74 21.14 28.13
CA GLN C 79 -1.85 20.65 26.76
C GLN C 79 -2.87 21.46 25.96
N VAL C 80 -4.01 21.79 26.57
CA VAL C 80 -5.02 22.58 25.89
C VAL C 80 -4.46 23.95 25.51
N THR C 81 -3.74 24.59 26.43
CA THR C 81 -3.15 25.91 26.15
C THR C 81 -2.09 25.82 25.06
N THR C 82 -1.21 24.82 25.14
CA THR C 82 -0.16 24.66 24.14
C THR C 82 -0.77 24.44 22.75
N ALA C 83 -1.71 23.49 22.64
CA ALA C 83 -2.30 23.19 21.35
C ALA C 83 -3.07 24.39 20.81
N MET C 84 -3.97 24.96 21.62
CA MET C 84 -4.78 26.08 21.18
C MET C 84 -3.91 27.28 20.80
N ASN C 85 -2.81 27.48 21.53
CA ASN C 85 -1.89 28.56 21.16
C ASN C 85 -1.24 28.28 19.82
N ALA C 86 -0.81 27.03 19.59
CA ALA C 86 -0.19 26.69 18.33
C ALA C 86 -1.16 26.90 17.17
N PHE C 87 -2.40 26.46 17.31
CA PHE C 87 -3.39 26.67 16.26
C PHE C 87 -3.68 28.16 16.05
N THR C 88 -3.85 28.92 17.14
CA THR C 88 -4.15 30.34 17.00
C THR C 88 -3.01 31.10 16.34
N GLU C 89 -1.77 30.68 16.58
CA GLU C 89 -0.62 31.34 15.97
C GLU C 89 -0.68 31.30 14.44
N VAL C 90 -1.25 30.22 13.87
CA VAL C 90 -1.47 30.16 12.42
C VAL C 90 -2.27 31.36 11.95
N VAL C 91 -3.42 31.60 12.61
CA VAL C 91 -4.28 32.72 12.23
C VAL C 91 -3.56 34.04 12.49
N ARG C 92 -2.79 34.11 13.58
CA ARG C 92 -2.03 35.33 13.85
C ARG C 92 -1.08 35.64 12.70
N ARG C 93 -0.49 34.62 12.10
CA ARG C 93 0.51 34.83 11.07
C ARG C 93 -0.11 35.11 9.70
N CYS C 94 -1.22 34.46 9.36
CA CYS C 94 -1.73 34.54 7.99
C CYS C 94 -3.06 35.28 7.85
N HIS C 95 -3.66 35.75 8.94
CA HIS C 95 -5.02 36.26 8.87
C HIS C 95 -5.16 37.48 7.98
N ASP C 96 -4.06 38.21 7.74
CA ASP C 96 -4.13 39.44 6.96
C ASP C 96 -4.34 39.19 5.48
N THR C 97 -3.97 38.01 4.98
CA THR C 97 -3.97 37.74 3.55
C THR C 97 -5.11 36.84 3.09
N LEU C 98 -6.03 36.47 3.97
CA LEU C 98 -7.13 35.59 3.61
C LEU C 98 -8.34 35.89 4.48
N ASN C 99 -9.46 35.25 4.15
CA ASN C 99 -10.67 35.31 4.96
C ASN C 99 -10.65 34.18 5.99
N PHE C 100 -10.76 34.53 7.26
CA PHE C 100 -10.75 33.55 8.34
C PHE C 100 -12.13 33.43 8.96
N ASN C 101 -12.50 32.20 9.33
CA ASN C 101 -13.77 31.93 9.99
C ASN C 101 -13.60 30.67 10.86
N TYR C 102 -14.55 30.44 11.75
CA TYR C 102 -14.47 29.29 12.64
C TYR C 102 -15.87 28.91 13.10
N SER C 103 -15.97 27.70 13.66
CA SER C 103 -17.23 27.15 14.14
C SER C 103 -16.93 25.92 15.00
N GLY C 104 -18.00 25.32 15.55
CA GLY C 104 -17.93 24.09 16.30
C GLY C 104 -18.66 24.21 17.63
N THR C 105 -18.39 23.25 18.53
CA THR C 105 -18.98 23.26 19.87
C THR C 105 -18.19 24.26 20.72
N LEU C 106 -18.50 25.55 20.52
CA LEU C 106 -17.67 26.60 21.09
C LEU C 106 -17.73 26.63 22.61
N GLU C 107 -18.79 26.11 23.21
CA GLU C 107 -18.94 26.18 24.67
C GLU C 107 -17.91 25.34 25.41
N VAL C 108 -17.22 24.41 24.74
CA VAL C 108 -16.17 23.64 25.39
C VAL C 108 -14.79 24.24 25.14
N VAL C 109 -14.69 25.28 24.33
CA VAL C 109 -13.42 25.96 24.07
C VAL C 109 -13.22 27.01 25.15
N PRO C 110 -12.06 27.08 25.79
CA PRO C 110 -11.86 28.13 26.80
C PRO C 110 -12.08 29.49 26.16
N GLU C 111 -12.81 30.35 26.87
CA GLU C 111 -13.30 31.59 26.26
C GLU C 111 -12.15 32.43 25.72
N ARG C 112 -10.99 32.35 26.36
CA ARG C 112 -9.81 33.11 25.92
C ARG C 112 -9.54 32.94 24.42
N TRP C 113 -9.57 31.70 23.95
CA TRP C 113 -9.27 31.43 22.55
C TRP C 113 -10.42 31.87 21.65
N LEU C 114 -11.66 31.77 22.14
CA LEU C 114 -12.78 32.28 21.37
C LEU C 114 -12.67 33.79 21.18
N THR C 115 -12.25 34.51 22.23
CA THR C 115 -12.06 35.95 22.14
C THR C 115 -10.96 36.29 21.14
N GLU C 116 -9.79 35.68 21.30
CA GLU C 116 -8.68 36.02 20.41
C GLU C 116 -8.98 35.64 18.95
N LEU C 117 -9.56 34.45 18.74
CA LEU C 117 -9.88 34.04 17.37
C LEU C 117 -10.96 34.93 16.77
N GLU C 118 -11.91 35.39 17.57
CA GLU C 118 -12.89 36.36 17.08
C GLU C 118 -12.22 37.65 16.66
N ALA C 119 -11.29 38.15 17.49
CA ALA C 119 -10.55 39.35 17.12
C ALA C 119 -9.79 39.17 15.81
N LEU C 120 -9.16 38.00 15.64
CA LEU C 120 -8.42 37.74 14.39
C LEU C 120 -9.37 37.66 13.20
N ARG C 121 -10.57 37.11 13.40
CA ARG C 121 -11.54 37.04 12.31
C ARG C 121 -12.03 38.43 11.91
N ALA C 122 -12.24 39.31 12.88
CA ALA C 122 -12.63 40.67 12.53
C ALA C 122 -11.55 41.39 11.73
N LYS C 123 -10.29 41.07 11.98
CA LYS C 123 -9.17 41.72 11.29
C LYS C 123 -8.79 41.03 9.98
N SER C 124 -9.43 39.93 9.62
CA SER C 124 -9.03 39.22 8.42
C SER C 124 -9.66 39.86 7.17
N ASP C 125 -9.10 39.51 6.01
CA ASP C 125 -9.54 40.04 4.73
C ASP C 125 -10.79 39.29 4.30
N SER C 126 -11.95 39.81 4.70
CA SER C 126 -13.23 39.18 4.37
C SER C 126 -13.56 39.26 2.89
N GLN C 127 -12.75 39.94 2.08
CA GLN C 127 -12.98 40.04 0.65
C GLN C 127 -12.10 39.10 -0.15
N SER C 128 -11.25 38.32 0.52
CA SER C 128 -10.37 37.38 -0.16
C SER C 128 -11.17 36.22 -0.75
N ASP C 129 -10.65 35.68 -1.85
CA ASP C 129 -11.24 34.52 -2.51
C ASP C 129 -10.86 33.19 -1.87
N PHE C 130 -10.07 33.21 -0.80
CA PHE C 130 -9.63 31.99 -0.12
C PHE C 130 -9.97 32.09 1.36
N THR C 131 -10.47 31.00 1.93
CA THR C 131 -10.91 30.99 3.31
C THR C 131 -10.22 29.87 4.07
N LEU C 132 -9.70 30.21 5.25
CA LEU C 132 -9.23 29.24 6.23
C LEU C 132 -10.29 29.14 7.33
N HIS C 133 -10.78 27.93 7.58
CA HIS C 133 -11.88 27.72 8.52
C HIS C 133 -11.46 26.68 9.55
N PHE C 134 -11.45 27.09 10.82
CA PHE C 134 -11.19 26.19 11.94
C PHE C 134 -12.50 25.64 12.47
N ILE C 135 -12.52 24.34 12.77
CA ILE C 135 -13.63 23.72 13.49
C ILE C 135 -13.07 23.20 14.80
N MET C 136 -13.64 23.65 15.91
CA MET C 136 -13.17 23.32 17.25
C MET C 136 -14.26 22.59 18.02
N GLY C 137 -13.84 21.69 18.89
CA GLY C 137 -14.79 20.88 19.64
C GLY C 137 -15.68 20.03 18.76
N MET C 138 -15.10 19.37 17.76
CA MET C 138 -15.89 18.55 16.86
C MET C 138 -16.42 17.31 17.58
N SER C 139 -17.69 17.00 17.31
CA SER C 139 -18.38 15.84 17.85
C SER C 139 -19.80 15.80 17.27
N LEU C 140 -20.12 14.76 16.50
CA LEU C 140 -21.42 14.70 15.84
C LEU C 140 -22.56 14.73 16.85
N ALA C 141 -22.39 14.06 17.99
CA ALA C 141 -23.42 14.10 19.03
C ALA C 141 -23.66 15.52 19.51
N HIS C 142 -22.59 16.27 19.81
CA HIS C 142 -22.75 17.64 20.27
C HIS C 142 -23.27 18.55 19.16
N GLU C 143 -22.85 18.30 17.92
CA GLU C 143 -23.34 19.08 16.80
C GLU C 143 -24.85 18.91 16.64
N VAL C 144 -25.31 17.66 16.65
CA VAL C 144 -26.73 17.36 16.51
C VAL C 144 -27.51 17.94 17.69
N ILE C 145 -26.98 17.76 18.91
CA ILE C 145 -27.66 18.28 20.09
C ILE C 145 -27.79 19.80 20.03
N GLY C 146 -26.73 20.47 19.58
CA GLY C 146 -26.79 21.92 19.47
C GLY C 146 -27.80 22.38 18.43
N ILE C 147 -27.83 21.72 17.28
CA ILE C 147 -28.80 22.08 16.25
C ILE C 147 -30.22 21.85 16.75
N PHE C 148 -30.47 20.68 17.36
CA PHE C 148 -31.77 20.36 17.93
C PHE C 148 -32.21 21.43 18.92
N ASN C 149 -31.37 21.70 19.92
CA ASN C 149 -31.72 22.68 20.93
C ASN C 149 -31.92 24.08 20.34
N LYS C 150 -31.18 24.41 19.27
CA LYS C 150 -31.36 25.71 18.62
C LYS C 150 -32.72 25.81 17.95
N PHE C 151 -33.14 24.76 17.26
CA PHE C 151 -34.38 24.81 16.48
C PHE C 151 -35.54 24.10 17.17
N ASN C 152 -35.36 23.68 18.41
CA ASN C 152 -36.43 23.00 19.13
C ASN C 152 -37.62 23.96 19.28
N GLY C 153 -38.73 23.63 18.62
CA GLY C 153 -39.93 24.44 18.71
C GLY C 153 -39.99 25.66 17.81
N LYS C 154 -38.89 26.05 17.15
CA LYS C 154 -38.94 27.23 16.29
C LYS C 154 -39.36 26.92 14.87
N ILE C 155 -39.41 25.64 14.50
CA ILE C 155 -39.79 25.25 13.13
C ILE C 155 -40.70 24.04 13.21
N PRO C 156 -41.59 23.90 12.21
CA PRO C 156 -42.48 22.72 12.20
C PRO C 156 -41.73 21.42 11.94
N ALA C 157 -40.67 21.46 11.14
CA ALA C 157 -39.88 20.28 10.83
C ALA C 157 -38.51 20.73 10.34
N LEU C 158 -37.50 19.90 10.59
CA LEU C 158 -36.15 20.20 10.16
C LEU C 158 -35.97 19.85 8.70
N THR C 159 -35.41 20.77 7.93
CA THR C 159 -35.17 20.58 6.51
C THR C 159 -33.67 20.43 6.25
N GLU C 160 -33.34 19.90 5.07
CA GLU C 160 -31.94 19.73 4.72
C GLU C 160 -31.21 21.07 4.56
N GLU C 161 -31.91 22.10 4.09
CA GLU C 161 -31.26 23.40 3.94
C GLU C 161 -30.92 24.02 5.29
N LEU C 162 -31.84 23.91 6.26
CA LEU C 162 -31.57 24.40 7.61
C LEU C 162 -30.41 23.66 8.24
N LEU C 163 -30.44 22.32 8.17
CA LEU C 163 -29.36 21.50 8.70
C LEU C 163 -28.03 21.88 8.09
N ALA C 164 -27.99 22.07 6.77
CA ALA C 164 -26.75 22.47 6.09
C ALA C 164 -26.30 23.85 6.52
N ALA C 165 -27.25 24.76 6.75
CA ALA C 165 -26.93 26.12 7.15
C ALA C 165 -26.49 26.24 8.60
N ASN C 166 -26.73 25.21 9.41
CA ASN C 166 -26.34 25.26 10.81
C ASN C 166 -25.35 24.17 11.22
N ALA C 167 -24.88 23.36 10.27
CA ALA C 167 -23.84 22.40 10.59
C ALA C 167 -22.51 23.12 10.83
N TYR C 168 -21.63 22.46 11.58
CA TYR C 168 -20.32 23.04 11.87
C TYR C 168 -19.58 23.37 10.58
N VAL C 169 -19.50 22.42 9.66
CA VAL C 169 -18.89 22.63 8.35
C VAL C 169 -19.99 23.16 7.43
N PRO C 170 -19.87 24.40 6.92
CA PRO C 170 -21.00 25.04 6.24
C PRO C 170 -21.25 24.57 4.82
N GLU C 171 -20.52 23.57 4.32
CA GLU C 171 -20.74 23.08 2.97
C GLU C 171 -20.22 21.64 2.90
N PRO C 172 -20.65 20.88 1.89
CA PRO C 172 -20.07 19.53 1.71
C PRO C 172 -18.58 19.61 1.42
N VAL C 173 -17.84 18.68 2.00
CA VAL C 173 -16.39 18.61 1.81
C VAL C 173 -16.08 17.73 0.62
N ASP C 174 -15.21 18.21 -0.28
CA ASP C 174 -14.79 17.41 -1.42
C ASP C 174 -13.70 16.42 -1.04
N PHE C 175 -12.58 16.91 -0.55
CA PHE C 175 -11.41 16.09 -0.27
C PHE C 175 -11.05 16.19 1.22
N LEU C 176 -10.67 15.07 1.79
CA LEU C 176 -10.29 14.98 3.20
C LEU C 176 -8.97 14.24 3.30
N ILE C 177 -8.01 14.83 4.00
CA ILE C 177 -6.66 14.29 4.11
C ILE C 177 -6.33 14.07 5.58
N ARG C 178 -5.85 12.88 5.91
CA ARG C 178 -5.37 12.57 7.26
C ARG C 178 -3.98 11.94 7.16
N PRO C 179 -2.94 12.71 7.45
CA PRO C 179 -1.62 12.13 7.68
C PRO C 179 -1.53 11.53 9.07
N GLY C 180 -0.43 10.83 9.32
CA GLY C 180 -0.13 10.35 10.65
C GLY C 180 -0.37 8.87 10.90
N GLY C 181 -0.86 8.13 9.92
CA GLY C 181 -0.94 6.69 10.03
C GLY C 181 -2.20 6.14 10.65
N HIS C 182 -3.05 6.99 11.22
CA HIS C 182 -4.33 6.53 11.77
C HIS C 182 -5.38 6.59 10.67
N VAL C 183 -5.98 5.44 10.37
CA VAL C 183 -7.05 5.37 9.38
C VAL C 183 -8.37 5.38 10.14
N ARG C 184 -8.82 6.57 10.50
CA ARG C 184 -10.04 6.75 11.29
C ARG C 184 -10.41 8.22 11.24
N MET C 185 -11.65 8.51 11.62
CA MET C 185 -12.15 9.88 11.63
C MET C 185 -12.09 10.53 13.01
N SER C 186 -11.93 9.76 14.07
CA SER C 186 -12.02 10.26 15.44
C SER C 186 -13.35 11.01 15.54
N SER C 187 -13.38 12.25 16.02
CA SER C 187 -14.60 13.05 16.07
C SER C 187 -14.67 14.08 14.96
N PHE C 188 -13.88 13.92 13.89
CA PHE C 188 -13.69 14.95 12.88
C PHE C 188 -14.54 14.76 11.63
N TYR C 189 -15.49 13.84 11.63
CA TYR C 189 -16.24 13.58 10.41
C TYR C 189 -17.20 14.73 10.11
N PRO C 190 -17.18 15.28 8.89
CA PRO C 190 -18.09 16.38 8.55
C PRO C 190 -19.49 15.85 8.28
N LEU C 191 -20.48 16.43 8.97
CA LEU C 191 -21.82 15.87 8.98
C LEU C 191 -22.43 15.81 7.59
N MET C 192 -22.35 16.91 6.83
CA MET C 192 -23.06 17.04 5.56
C MET C 192 -22.18 16.74 4.35
N SER C 193 -21.33 15.73 4.43
CA SER C 193 -20.41 15.39 3.33
C SER C 193 -20.56 13.93 2.92
N PRO C 194 -21.70 13.57 2.32
CA PRO C 194 -21.86 12.16 1.88
C PRO C 194 -20.95 11.77 0.73
N PHE C 195 -20.45 12.72 -0.07
CA PHE C 195 -19.62 12.39 -1.22
C PHE C 195 -18.16 12.79 -1.02
N ALA C 196 -17.72 12.94 0.22
CA ALA C 196 -16.33 13.30 0.47
C ALA C 196 -15.41 12.13 0.17
N GLU C 197 -14.28 12.42 -0.48
CA GLU C 197 -13.25 11.43 -0.74
C GLU C 197 -12.18 11.54 0.35
N MET C 198 -11.75 10.39 0.87
CA MET C 198 -10.79 10.34 1.96
C MET C 198 -9.44 9.83 1.48
N TYR C 199 -8.38 10.42 2.03
CA TYR C 199 -7.00 10.02 1.77
C TYR C 199 -6.28 9.92 3.10
N PHE C 200 -5.69 8.75 3.36
CA PHE C 200 -4.90 8.53 4.57
C PHE C 200 -3.46 8.25 4.18
N CYS C 201 -2.51 8.77 4.94
CA CYS C 201 -1.14 8.38 4.66
C CYS C 201 -0.35 8.27 5.95
N PRO C 202 0.64 7.38 6.01
CA PRO C 202 1.38 7.19 7.26
C PRO C 202 2.30 8.34 7.62
N THR C 203 2.74 9.13 6.64
CA THR C 203 3.65 10.24 6.91
C THR C 203 3.04 11.19 7.94
N LEU C 204 3.81 11.49 8.97
CA LEU C 204 3.34 12.40 10.01
C LEU C 204 3.13 13.80 9.45
N LEU C 205 2.21 14.54 10.09
CA LEU C 205 1.86 15.87 9.62
C LEU C 205 3.08 16.78 9.55
N ASN C 206 3.89 16.77 10.60
CA ASN C 206 5.07 17.63 10.64
C ASN C 206 6.13 17.21 9.63
N ASP C 207 6.04 16.01 9.06
CA ASP C 207 6.94 15.57 8.02
C ASP C 207 6.38 15.74 6.62
N MET C 208 5.12 16.16 6.49
CA MET C 208 4.51 16.26 5.17
C MET C 208 5.20 17.34 4.33
N THR C 209 5.57 16.98 3.11
CA THR C 209 6.16 17.90 2.15
C THR C 209 5.10 18.33 1.13
N ARG C 210 5.48 19.32 0.32
CA ARG C 210 4.61 19.70 -0.79
C ARG C 210 4.38 18.54 -1.74
N ALA C 211 5.38 17.68 -1.92
CA ALA C 211 5.23 16.52 -2.79
C ALA C 211 4.23 15.52 -2.22
N ASP C 212 4.25 15.28 -0.91
CA ASP C 212 3.25 14.43 -0.29
C ASP C 212 1.85 14.99 -0.51
N PHE C 213 1.69 16.30 -0.32
CA PHE C 213 0.44 16.98 -0.61
C PHE C 213 0.01 16.77 -2.07
N ASP C 214 0.97 16.88 -2.99
CA ASP C 214 0.66 16.78 -4.41
C ASP C 214 0.24 15.37 -4.81
N VAL C 215 0.94 14.34 -4.30
CA VAL C 215 0.52 12.98 -4.63
C VAL C 215 -0.80 12.64 -3.94
N ALA C 216 -1.05 13.20 -2.76
CA ALA C 216 -2.36 13.07 -2.15
C ALA C 216 -3.44 13.65 -3.06
N LEU C 217 -3.18 14.83 -3.64
CA LEU C 217 -4.17 15.45 -4.53
C LEU C 217 -4.31 14.67 -5.83
N GLU C 218 -3.22 14.08 -6.32
CA GLU C 218 -3.34 13.19 -7.47
C GLU C 218 -4.27 12.04 -7.16
N ASP C 219 -4.04 11.39 -6.02
CA ASP C 219 -4.89 10.27 -5.60
C ASP C 219 -6.35 10.72 -5.51
N LEU C 220 -6.60 11.86 -4.88
CA LEU C 220 -7.97 12.31 -4.65
C LEU C 220 -8.67 12.72 -5.94
N ARG C 221 -7.94 13.37 -6.85
CA ARG C 221 -8.56 13.87 -8.08
C ARG C 221 -8.72 12.81 -9.16
N GLU C 222 -7.95 11.72 -9.09
CA GLU C 222 -8.11 10.66 -10.07
C GLU C 222 -9.41 9.89 -9.87
N ARG C 223 -10.00 9.96 -8.67
CA ARG C 223 -11.09 9.05 -8.33
C ARG C 223 -12.37 9.39 -9.10
N ASP C 224 -13.17 8.35 -9.32
CA ASP C 224 -14.50 8.51 -9.91
C ASP C 224 -15.51 8.70 -8.79
N ARG C 225 -16.22 9.82 -8.83
CA ARG C 225 -17.16 10.13 -7.75
C ARG C 225 -18.59 9.78 -8.14
N MET D 16 -17.16 -7.05 23.96
CA MET D 16 -18.44 -6.79 23.33
C MET D 16 -18.22 -5.99 22.07
N THR D 17 -17.38 -6.50 21.17
CA THR D 17 -17.02 -5.70 20.01
C THR D 17 -17.92 -6.04 18.82
N ASN D 18 -18.04 -5.07 17.93
CA ASN D 18 -18.84 -5.24 16.73
C ASN D 18 -18.10 -4.76 15.48
N LEU D 19 -18.66 -5.16 14.35
CA LEU D 19 -18.07 -4.96 13.04
C LEU D 19 -19.15 -4.50 12.08
N MET D 20 -18.77 -3.61 11.18
CA MET D 20 -19.66 -3.04 10.17
C MET D 20 -18.99 -3.20 8.82
N LEU D 21 -19.73 -3.73 7.86
CA LEU D 21 -19.23 -3.96 6.51
C LEU D 21 -19.96 -3.04 5.56
N LEU D 22 -19.21 -2.38 4.67
CA LEU D 22 -19.80 -1.52 3.66
C LEU D 22 -19.77 -2.24 2.33
N PRO D 23 -20.89 -2.77 1.84
CA PRO D 23 -20.86 -3.54 0.59
C PRO D 23 -20.79 -2.61 -0.61
N ASP D 24 -20.03 -3.04 -1.61
CA ASP D 24 -19.78 -2.23 -2.79
C ASP D 24 -19.22 -3.12 -3.89
N GLY D 25 -19.30 -2.63 -5.12
CA GLY D 25 -18.63 -3.30 -6.22
C GLY D 25 -19.36 -4.43 -6.90
N MET D 26 -20.70 -4.38 -6.96
CA MET D 26 -21.40 -5.47 -7.63
C MET D 26 -21.45 -5.28 -9.14
N ARG D 27 -21.66 -4.05 -9.61
CA ARG D 27 -21.57 -3.79 -11.05
C ARG D 27 -20.17 -4.08 -11.56
N ARG D 28 -19.15 -3.60 -10.85
CA ARG D 28 -17.78 -3.86 -11.25
C ARG D 28 -17.48 -5.35 -11.31
N TRP D 29 -17.98 -6.11 -10.34
CA TRP D 29 -17.72 -7.55 -10.35
C TRP D 29 -18.45 -8.23 -11.50
N SER D 30 -19.68 -7.80 -11.79
CA SER D 30 -20.40 -8.37 -12.92
C SER D 30 -19.68 -8.10 -14.25
N GLN D 31 -19.14 -6.89 -14.40
CA GLN D 31 -18.39 -6.59 -15.62
C GLN D 31 -17.08 -7.37 -15.68
N LYS D 32 -16.38 -7.48 -14.55
CA LYS D 32 -15.11 -8.20 -14.55
C LYS D 32 -15.31 -9.68 -14.87
N GLN D 33 -16.39 -10.27 -14.36
CA GLN D 33 -16.62 -11.69 -14.56
C GLN D 33 -17.41 -11.98 -15.83
N GLY D 34 -17.93 -10.98 -16.51
CA GLY D 34 -18.75 -11.21 -17.69
C GLY D 34 -20.05 -11.92 -17.38
N ILE D 35 -20.71 -11.55 -16.29
CA ILE D 35 -21.98 -12.15 -15.89
C ILE D 35 -23.01 -11.04 -15.75
N SER D 36 -24.25 -11.46 -15.49
CA SER D 36 -25.31 -10.48 -15.32
C SER D 36 -25.19 -9.82 -13.95
N LEU D 37 -25.83 -8.65 -13.82
CA LEU D 37 -25.88 -7.98 -12.54
C LEU D 37 -26.56 -8.88 -11.50
N ASP D 38 -27.58 -9.62 -11.93
CA ASP D 38 -28.28 -10.53 -11.02
C ASP D 38 -27.33 -11.58 -10.46
N ASP D 39 -26.51 -12.18 -11.32
CA ASP D 39 -25.55 -13.17 -10.84
C ASP D 39 -24.53 -12.55 -9.89
N SER D 40 -24.10 -11.32 -10.19
CA SER D 40 -23.21 -10.62 -9.28
C SER D 40 -23.85 -10.44 -7.91
N TYR D 41 -25.14 -10.08 -7.87
CA TYR D 41 -25.80 -9.90 -6.58
C TYR D 41 -26.06 -11.24 -5.88
N ALA D 42 -26.25 -12.32 -6.64
CA ALA D 42 -26.34 -13.64 -6.02
C ALA D 42 -25.01 -14.02 -5.37
N ALA D 43 -23.90 -13.76 -6.07
CA ALA D 43 -22.59 -13.92 -5.46
C ALA D 43 -22.42 -13.03 -4.24
N MET D 44 -23.01 -11.83 -4.26
CA MET D 44 -22.98 -10.99 -3.07
C MET D 44 -23.74 -11.63 -1.92
N THR D 45 -24.87 -12.28 -2.22
CA THR D 45 -25.61 -12.98 -1.17
C THR D 45 -24.75 -14.08 -0.55
N ASP D 46 -24.17 -14.93 -1.39
CA ASP D 46 -23.29 -15.98 -0.88
C ASP D 46 -22.16 -15.40 -0.04
N LYS D 47 -21.50 -14.36 -0.57
CA LYS D 47 -20.37 -13.76 0.13
C LYS D 47 -20.77 -13.14 1.46
N LEU D 48 -21.98 -12.57 1.53
CA LEU D 48 -22.43 -11.97 2.78
C LEU D 48 -22.80 -13.03 3.81
N VAL D 49 -23.35 -14.16 3.37
CA VAL D 49 -23.55 -15.28 4.28
C VAL D 49 -22.22 -15.74 4.85
N GLU D 50 -21.21 -15.89 3.97
CA GLU D 50 -19.86 -16.20 4.42
C GLU D 50 -19.39 -15.19 5.47
N PHE D 51 -19.53 -13.90 5.17
CA PHE D 51 -19.05 -12.84 6.06
C PHE D 51 -19.73 -12.90 7.41
N THR D 52 -21.04 -13.16 7.45
CA THR D 52 -21.73 -13.31 8.72
C THR D 52 -21.15 -14.48 9.51
N GLY D 53 -20.91 -15.61 8.84
CA GLY D 53 -20.27 -16.73 9.51
C GLY D 53 -18.91 -16.37 10.08
N TRP D 54 -18.09 -15.69 9.28
CA TRP D 54 -16.75 -15.28 9.73
C TRP D 54 -16.85 -14.36 10.94
N ALA D 55 -17.72 -13.36 10.86
CA ALA D 55 -17.87 -12.41 11.95
C ALA D 55 -18.27 -13.12 13.23
N ARG D 56 -19.18 -14.10 13.14
CA ARG D 56 -19.55 -14.84 14.34
C ARG D 56 -18.39 -15.68 14.85
N GLU D 57 -17.64 -16.32 13.95
CA GLU D 57 -16.50 -17.13 14.39
C GLU D 57 -15.43 -16.27 15.06
N GLU D 58 -15.31 -15.01 14.65
CA GLU D 58 -14.29 -14.13 15.20
C GLU D 58 -14.73 -13.42 16.47
N GLY D 59 -15.90 -13.78 17.01
CA GLY D 59 -16.32 -13.30 18.31
C GLY D 59 -17.04 -11.97 18.33
N PHE D 60 -17.38 -11.40 17.18
CA PHE D 60 -18.12 -10.15 17.16
C PHE D 60 -19.54 -10.36 17.67
N THR D 61 -19.99 -9.47 18.56
CA THR D 61 -21.34 -9.58 19.10
C THR D 61 -22.38 -9.20 18.05
N THR D 62 -22.09 -8.16 17.26
CA THR D 62 -23.01 -7.70 16.23
C THR D 62 -22.23 -7.48 14.94
N PHE D 63 -22.82 -7.94 13.83
CA PHE D 63 -22.29 -7.69 12.49
C PHE D 63 -23.24 -6.74 11.77
N TYR D 64 -22.80 -5.51 11.55
CA TYR D 64 -23.59 -4.52 10.84
C TYR D 64 -23.28 -4.55 9.36
N VAL D 65 -24.31 -4.45 8.53
CA VAL D 65 -24.16 -4.35 7.09
C VAL D 65 -24.92 -3.11 6.63
N THR D 66 -24.20 -2.14 6.08
CA THR D 66 -24.82 -0.91 5.57
C THR D 66 -25.41 -1.25 4.21
N VAL D 67 -26.69 -1.63 4.22
CA VAL D 67 -27.31 -2.20 3.03
C VAL D 67 -27.44 -1.16 1.92
N SER D 68 -27.90 0.05 2.26
CA SER D 68 -28.24 1.00 1.21
C SER D 68 -28.29 2.41 1.77
N SER D 69 -28.17 3.38 0.87
CA SER D 69 -28.40 4.79 1.17
C SER D 69 -29.80 5.21 0.71
N VAL D 70 -30.18 6.42 1.09
CA VAL D 70 -31.45 6.98 0.65
C VAL D 70 -31.46 7.14 -0.87
N ALA D 71 -30.35 7.61 -1.44
CA ALA D 71 -30.28 7.83 -2.89
C ALA D 71 -30.42 6.53 -3.67
N ASN D 72 -29.99 5.41 -3.09
CA ASN D 72 -30.04 4.12 -3.79
C ASN D 72 -31.44 3.78 -4.26
N TYR D 73 -32.46 4.21 -3.53
CA TYR D 73 -33.85 3.89 -3.88
C TYR D 73 -34.40 4.78 -4.98
N SER D 74 -33.61 5.72 -5.51
CA SER D 74 -33.98 6.45 -6.70
C SER D 74 -33.58 5.74 -7.98
N ARG D 75 -32.90 4.61 -7.88
CA ARG D 75 -32.56 3.79 -9.03
C ARG D 75 -33.82 3.16 -9.60
N SER D 76 -33.66 2.43 -10.70
CA SER D 76 -34.79 1.78 -11.32
C SER D 76 -35.35 0.71 -10.38
N GLU D 77 -36.66 0.47 -10.50
CA GLU D 77 -37.31 -0.54 -9.68
C GLU D 77 -36.66 -1.91 -9.88
N GLU D 78 -36.19 -2.19 -11.10
CA GLU D 78 -35.51 -3.45 -11.37
C GLU D 78 -34.31 -3.65 -10.46
N GLN D 79 -33.45 -2.63 -10.38
CA GLN D 79 -32.25 -2.73 -9.56
C GLN D 79 -32.58 -2.80 -8.07
N VAL D 80 -33.54 -1.99 -7.63
CA VAL D 80 -33.95 -2.02 -6.22
C VAL D 80 -34.46 -3.41 -5.85
N THR D 81 -35.27 -4.01 -6.72
CA THR D 81 -35.76 -5.35 -6.46
C THR D 81 -34.62 -6.36 -6.40
N THR D 82 -33.66 -6.25 -7.33
CA THR D 82 -32.53 -7.16 -7.34
C THR D 82 -31.73 -7.10 -6.04
N ALA D 83 -31.29 -5.90 -5.66
CA ALA D 83 -30.46 -5.75 -4.47
C ALA D 83 -31.22 -6.14 -3.20
N MET D 84 -32.42 -5.57 -3.01
CA MET D 84 -33.18 -5.85 -1.80
C MET D 84 -33.49 -7.34 -1.68
N ASN D 85 -33.73 -8.00 -2.82
CA ASN D 85 -33.94 -9.45 -2.79
C ASN D 85 -32.66 -10.17 -2.35
N ALA D 86 -31.51 -9.74 -2.85
CA ALA D 86 -30.25 -10.40 -2.46
C ALA D 86 -29.99 -10.26 -0.97
N PHE D 87 -30.09 -9.04 -0.43
CA PHE D 87 -29.85 -8.84 0.99
C PHE D 87 -30.86 -9.59 1.83
N THR D 88 -32.13 -9.55 1.43
CA THR D 88 -33.16 -10.27 2.17
C THR D 88 -32.87 -11.76 2.14
N GLU D 89 -32.36 -12.27 1.01
CA GLU D 89 -32.00 -13.68 0.94
C GLU D 89 -30.88 -14.02 1.93
N VAL D 90 -29.94 -13.09 2.13
CA VAL D 90 -28.96 -13.28 3.21
C VAL D 90 -29.69 -13.50 4.52
N VAL D 91 -30.68 -12.64 4.80
CA VAL D 91 -31.42 -12.77 6.05
C VAL D 91 -32.18 -14.10 6.10
N ARG D 92 -32.74 -14.53 4.97
CA ARG D 92 -33.46 -15.80 4.92
C ARG D 92 -32.53 -16.97 5.23
N ARG D 93 -31.28 -16.90 4.78
CA ARG D 93 -30.38 -18.02 5.00
C ARG D 93 -29.87 -18.05 6.43
N CYS D 94 -29.72 -16.89 7.08
CA CYS D 94 -29.07 -16.88 8.38
C CYS D 94 -30.00 -16.60 9.56
N HIS D 95 -31.28 -16.31 9.32
CA HIS D 95 -32.13 -15.75 10.37
C HIS D 95 -32.44 -16.75 11.48
N ASP D 96 -32.42 -18.06 11.19
CA ASP D 96 -32.92 -19.02 12.17
C ASP D 96 -31.97 -19.21 13.35
N THR D 97 -30.68 -18.98 13.15
CA THR D 97 -29.69 -19.28 14.18
C THR D 97 -29.09 -18.03 14.81
N LEU D 98 -29.62 -16.85 14.50
CA LEU D 98 -29.11 -15.62 15.07
C LEU D 98 -30.25 -14.65 15.28
N ASN D 99 -29.93 -13.55 15.96
CA ASN D 99 -30.87 -12.46 16.15
C ASN D 99 -30.70 -11.47 15.00
N PHE D 100 -31.79 -11.22 14.27
CA PHE D 100 -31.78 -10.28 13.17
C PHE D 100 -32.54 -9.02 13.57
N ASN D 101 -32.05 -7.87 13.12
CA ASN D 101 -32.70 -6.60 13.39
C ASN D 101 -32.38 -5.65 12.25
N TYR D 102 -33.11 -4.54 12.18
CA TYR D 102 -32.90 -3.57 11.11
C TYR D 102 -33.36 -2.20 11.57
N SER D 103 -32.93 -1.19 10.82
CA SER D 103 -33.25 0.21 11.11
C SER D 103 -32.87 1.05 9.90
N GLY D 104 -33.14 2.36 9.98
CA GLY D 104 -32.76 3.30 8.98
C GLY D 104 -33.93 4.17 8.56
N THR D 105 -33.77 4.84 7.41
CA THR D 105 -34.83 5.66 6.82
C THR D 105 -35.79 4.74 6.09
N LEU D 106 -36.66 4.09 6.86
CA LEU D 106 -37.49 3.02 6.34
C LEU D 106 -38.58 3.51 5.38
N GLU D 107 -38.98 4.79 5.46
CA GLU D 107 -40.10 5.25 4.65
C GLU D 107 -39.79 5.26 3.16
N VAL D 108 -38.51 5.20 2.77
CA VAL D 108 -38.15 5.10 1.37
C VAL D 108 -37.91 3.66 0.93
N VAL D 109 -38.01 2.70 1.84
CA VAL D 109 -37.85 1.27 1.53
C VAL D 109 -39.20 0.69 1.12
N PRO D 110 -39.28 -0.02 -0.01
CA PRO D 110 -40.57 -0.62 -0.41
C PRO D 110 -41.16 -1.56 0.62
N GLU D 111 -42.49 -1.49 0.78
CA GLU D 111 -43.17 -2.24 1.84
C GLU D 111 -42.95 -3.74 1.71
N ARG D 112 -42.86 -4.27 0.49
CA ARG D 112 -42.69 -5.70 0.32
C ARG D 112 -41.48 -6.20 1.10
N TRP D 113 -40.38 -5.45 1.03
CA TRP D 113 -39.17 -5.82 1.77
C TRP D 113 -39.27 -5.50 3.27
N LEU D 114 -39.94 -4.41 3.63
CA LEU D 114 -40.12 -4.08 5.05
C LEU D 114 -40.92 -5.14 5.79
N THR D 115 -42.00 -5.62 5.19
CA THR D 115 -42.85 -6.66 5.78
C THR D 115 -42.08 -7.97 5.92
N GLU D 116 -41.43 -8.41 4.84
CA GLU D 116 -40.71 -9.67 4.91
C GLU D 116 -39.57 -9.60 5.92
N LEU D 117 -38.84 -8.48 5.94
CA LEU D 117 -37.76 -8.33 6.91
C LEU D 117 -38.30 -8.25 8.33
N GLU D 118 -39.47 -7.63 8.51
CA GLU D 118 -40.12 -7.60 9.82
C GLU D 118 -40.47 -9.01 10.28
N ALA D 119 -41.07 -9.80 9.37
CA ALA D 119 -41.40 -11.20 9.67
C ALA D 119 -40.16 -12.01 9.99
N LEU D 120 -39.09 -11.83 9.21
CA LEU D 120 -37.87 -12.57 9.48
C LEU D 120 -37.26 -12.18 10.82
N ARG D 121 -37.38 -10.90 11.20
CA ARG D 121 -36.91 -10.51 12.52
C ARG D 121 -37.75 -11.15 13.61
N ALA D 122 -39.07 -11.24 13.40
CA ALA D 122 -39.91 -11.95 14.35
C ALA D 122 -39.55 -13.43 14.42
N LYS D 123 -39.12 -14.01 13.29
CA LYS D 123 -38.79 -15.43 13.21
C LYS D 123 -37.36 -15.74 13.62
N SER D 124 -36.54 -14.73 13.92
CA SER D 124 -35.16 -14.95 14.27
C SER D 124 -35.03 -15.31 15.75
N ASP D 125 -33.87 -15.85 16.11
CA ASP D 125 -33.58 -16.27 17.48
C ASP D 125 -33.16 -15.04 18.27
N SER D 126 -34.13 -14.40 18.92
CA SER D 126 -33.86 -13.19 19.70
C SER D 126 -33.03 -13.44 20.96
N GLN D 127 -32.69 -14.70 21.26
CA GLN D 127 -31.87 -15.02 22.41
C GLN D 127 -30.40 -15.28 22.08
N SER D 128 -30.03 -15.23 20.80
CA SER D 128 -28.66 -15.53 20.40
C SER D 128 -27.70 -14.43 20.86
N ASP D 129 -26.47 -14.83 21.18
CA ASP D 129 -25.42 -13.90 21.54
C ASP D 129 -24.75 -13.27 20.31
N PHE D 130 -25.23 -13.57 19.11
CA PHE D 130 -24.74 -12.99 17.87
C PHE D 130 -25.90 -12.35 17.12
N THR D 131 -25.66 -11.14 16.61
CA THR D 131 -26.70 -10.35 15.96
C THR D 131 -26.26 -9.94 14.57
N LEU D 132 -27.14 -10.12 13.58
CA LEU D 132 -27.00 -9.54 12.26
C LEU D 132 -27.96 -8.36 12.16
N HIS D 133 -27.42 -7.18 11.86
CA HIS D 133 -28.22 -5.96 11.84
C HIS D 133 -28.02 -5.27 10.50
N PHE D 134 -29.11 -5.11 9.75
CA PHE D 134 -29.11 -4.34 8.51
C PHE D 134 -29.50 -2.89 8.79
N ILE D 135 -28.79 -1.96 8.15
CA ILE D 135 -29.19 -0.56 8.15
C ILE D 135 -29.48 -0.17 6.70
N MET D 136 -30.70 0.29 6.45
CA MET D 136 -31.16 0.62 5.11
C MET D 136 -31.52 2.09 5.03
N GLY D 137 -31.30 2.66 3.85
CA GLY D 137 -31.53 4.09 3.67
C GLY D 137 -30.64 4.95 4.55
N MET D 138 -29.36 4.63 4.63
CA MET D 138 -28.45 5.42 5.45
C MET D 138 -28.23 6.79 4.84
N SER D 139 -28.25 7.80 5.70
CA SER D 139 -27.99 9.20 5.34
C SER D 139 -28.04 10.03 6.61
N LEU D 140 -26.92 10.65 6.98
CA LEU D 140 -26.89 11.39 8.24
C LEU D 140 -27.91 12.52 8.23
N ALA D 141 -28.12 13.16 7.08
CA ALA D 141 -29.12 14.22 6.99
C ALA D 141 -30.52 13.68 7.33
N HIS D 142 -30.91 12.58 6.69
CA HIS D 142 -32.24 12.01 6.95
C HIS D 142 -32.34 11.46 8.37
N GLU D 143 -31.25 10.88 8.88
CA GLU D 143 -31.25 10.37 10.24
C GLU D 143 -31.48 11.48 11.25
N VAL D 144 -30.71 12.57 11.14
CA VAL D 144 -30.84 13.70 12.06
C VAL D 144 -32.22 14.33 11.91
N ILE D 145 -32.68 14.52 10.68
CA ILE D 145 -33.99 15.12 10.44
C ILE D 145 -35.09 14.28 11.08
N GLY D 146 -35.00 12.96 10.94
CA GLY D 146 -36.00 12.10 11.54
C GLY D 146 -35.97 12.16 13.06
N ILE D 147 -34.78 12.19 13.65
CA ILE D 147 -34.68 12.27 15.11
C ILE D 147 -35.28 13.57 15.62
N PHE D 148 -34.90 14.69 14.99
CA PHE D 148 -35.45 15.99 15.35
C PHE D 148 -36.97 15.99 15.23
N ASN D 149 -37.50 15.56 14.08
CA ASN D 149 -38.94 15.55 13.88
C ASN D 149 -39.64 14.68 14.91
N LYS D 150 -38.99 13.60 15.36
CA LYS D 150 -39.61 12.77 16.39
C LYS D 150 -39.65 13.53 17.72
N PHE D 151 -38.58 14.25 18.06
CA PHE D 151 -38.51 14.90 19.37
C PHE D 151 -38.74 16.41 19.32
N ASN D 152 -39.10 16.97 18.17
CA ASN D 152 -39.26 18.43 18.05
C ASN D 152 -40.37 18.94 18.97
N GLY D 153 -40.01 19.75 19.97
CA GLY D 153 -40.97 20.33 20.86
C GLY D 153 -41.47 19.40 21.95
N LYS D 154 -41.14 18.10 21.89
CA LYS D 154 -41.64 17.14 22.86
C LYS D 154 -40.73 16.99 24.08
N ILE D 155 -39.52 17.54 24.03
CA ILE D 155 -38.59 17.47 25.16
C ILE D 155 -37.89 18.80 25.32
N PRO D 156 -37.46 19.13 26.54
CA PRO D 156 -36.80 20.43 26.75
C PRO D 156 -35.45 20.53 26.06
N ALA D 157 -34.69 19.43 26.00
CA ALA D 157 -33.40 19.43 25.33
C ALA D 157 -33.03 17.98 25.00
N LEU D 158 -32.29 17.83 23.90
CA LEU D 158 -31.84 16.51 23.47
C LEU D 158 -30.60 16.10 24.25
N THR D 159 -30.60 14.86 24.75
CA THR D 159 -29.48 14.32 25.48
C THR D 159 -28.74 13.30 24.63
N GLU D 160 -27.50 13.00 25.03
CA GLU D 160 -26.73 11.98 24.32
C GLU D 160 -27.37 10.60 24.45
N GLU D 161 -28.02 10.33 25.57
CA GLU D 161 -28.63 9.02 25.77
C GLU D 161 -29.81 8.81 24.82
N LEU D 162 -30.66 9.82 24.67
CA LEU D 162 -31.77 9.71 23.72
C LEU D 162 -31.24 9.59 22.30
N LEU D 163 -30.30 10.45 21.93
CA LEU D 163 -29.72 10.42 20.59
C LEU D 163 -29.13 9.04 20.29
N ALA D 164 -28.38 8.48 21.24
CA ALA D 164 -27.81 7.15 21.03
C ALA D 164 -28.89 6.08 20.97
N ALA D 165 -29.96 6.26 21.75
CA ALA D 165 -31.04 5.28 21.78
C ALA D 165 -31.92 5.34 20.54
N ASN D 166 -31.82 6.40 19.74
CA ASN D 166 -32.62 6.54 18.54
C ASN D 166 -31.80 6.62 17.25
N ALA D 167 -30.49 6.48 17.32
CA ALA D 167 -29.68 6.46 16.11
C ALA D 167 -29.90 5.17 15.33
N TYR D 168 -29.64 5.23 14.02
CA TYR D 168 -29.79 4.05 13.17
C TYR D 168 -28.91 2.90 13.68
N VAL D 169 -27.63 3.18 13.93
CA VAL D 169 -26.73 2.20 14.52
C VAL D 169 -26.84 2.32 16.04
N PRO D 170 -27.36 1.31 16.74
CA PRO D 170 -27.73 1.48 18.15
C PRO D 170 -26.57 1.42 19.13
N GLU D 171 -25.33 1.33 18.67
CA GLU D 171 -24.18 1.28 19.57
C GLU D 171 -22.95 1.76 18.82
N PRO D 172 -21.88 2.13 19.52
CA PRO D 172 -20.64 2.48 18.83
C PRO D 172 -20.09 1.30 18.05
N VAL D 173 -19.57 1.58 16.86
CA VAL D 173 -18.96 0.57 16.02
C VAL D 173 -17.47 0.49 16.32
N ASP D 174 -16.98 -0.73 16.54
CA ASP D 174 -15.55 -0.93 16.77
C ASP D 174 -14.78 -0.95 15.46
N PHE D 175 -15.09 -1.89 14.58
CA PHE D 175 -14.35 -2.02 13.33
C PHE D 175 -15.26 -1.81 12.15
N LEU D 176 -14.75 -1.12 11.13
CA LEU D 176 -15.50 -0.83 9.91
C LEU D 176 -14.63 -1.22 8.73
N ILE D 177 -15.17 -2.06 7.84
CA ILE D 177 -14.42 -2.60 6.72
C ILE D 177 -15.12 -2.22 5.42
N ARG D 178 -14.34 -1.68 4.48
CA ARG D 178 -14.83 -1.35 3.14
C ARG D 178 -13.89 -1.95 2.10
N PRO D 179 -14.28 -3.06 1.49
CA PRO D 179 -13.61 -3.53 0.28
C PRO D 179 -14.07 -2.73 -0.93
N GLY D 180 -13.41 -2.96 -2.06
CA GLY D 180 -13.83 -2.39 -3.31
C GLY D 180 -13.00 -1.23 -3.83
N GLY D 181 -11.99 -0.79 -3.08
CA GLY D 181 -11.05 0.19 -3.59
C GLY D 181 -11.44 1.64 -3.40
N HIS D 182 -12.66 1.93 -2.95
CA HIS D 182 -13.08 3.30 -2.70
C HIS D 182 -12.77 3.66 -1.25
N VAL D 183 -11.97 4.71 -1.06
CA VAL D 183 -11.64 5.19 0.28
C VAL D 183 -12.57 6.34 0.62
N ARG D 184 -13.78 6.01 1.08
CA ARG D 184 -14.80 7.00 1.39
C ARG D 184 -15.90 6.28 2.18
N MET D 185 -16.74 7.07 2.84
CA MET D 185 -17.83 6.51 3.62
C MET D 185 -19.16 6.52 2.90
N SER D 186 -19.28 7.27 1.80
CA SER D 186 -20.55 7.47 1.10
C SER D 186 -21.56 7.96 2.13
N SER D 187 -22.75 7.37 2.22
CA SER D 187 -23.73 7.73 3.25
C SER D 187 -23.74 6.75 4.41
N PHE D 188 -22.69 5.95 4.57
CA PHE D 188 -22.71 4.81 5.47
C PHE D 188 -22.05 5.08 6.83
N TYR D 189 -21.69 6.32 7.12
CA TYR D 189 -20.95 6.60 8.35
C TYR D 189 -21.86 6.45 9.57
N PRO D 190 -21.46 5.67 10.57
CA PRO D 190 -22.29 5.51 11.77
C PRO D 190 -22.19 6.74 12.66
N LEU D 191 -23.35 7.32 12.98
CA LEU D 191 -23.38 8.62 13.64
C LEU D 191 -22.64 8.61 14.98
N MET D 192 -22.91 7.61 15.81
CA MET D 192 -22.42 7.60 17.20
C MET D 192 -21.17 6.75 17.38
N SER D 193 -20.25 6.76 16.41
CA SER D 193 -19.03 5.95 16.49
C SER D 193 -17.80 6.85 16.31
N PRO D 194 -17.53 7.74 17.27
CA PRO D 194 -16.35 8.61 17.14
C PRO D 194 -15.04 7.85 17.26
N PHE D 195 -15.02 6.66 17.85
CA PHE D 195 -13.78 5.94 18.09
C PHE D 195 -13.65 4.71 17.20
N ALA D 196 -14.39 4.67 16.09
CA ALA D 196 -14.33 3.54 15.17
C ALA D 196 -13.04 3.53 14.38
N GLU D 197 -12.48 2.34 14.18
CA GLU D 197 -11.33 2.15 13.32
C GLU D 197 -11.80 1.70 11.93
N MET D 198 -11.23 2.31 10.89
CA MET D 198 -11.62 2.07 9.52
C MET D 198 -10.54 1.29 8.78
N TYR D 199 -10.97 0.36 7.93
CA TYR D 199 -10.08 -0.45 7.11
C TYR D 199 -10.62 -0.47 5.68
N PHE D 200 -9.77 -0.11 4.72
CA PHE D 200 -10.12 -0.12 3.30
C PHE D 200 -9.22 -1.11 2.58
N CYS D 201 -9.78 -1.82 1.59
CA CYS D 201 -8.93 -2.65 0.76
C CYS D 201 -9.44 -2.66 -0.67
N PRO D 202 -8.54 -2.76 -1.65
CA PRO D 202 -8.96 -2.72 -3.07
C PRO D 202 -9.69 -3.97 -3.52
N THR D 203 -9.49 -5.11 -2.86
CA THR D 203 -10.16 -6.34 -3.25
C THR D 203 -11.67 -6.16 -3.27
N LEU D 204 -12.31 -6.55 -4.37
CA LEU D 204 -13.75 -6.44 -4.47
C LEU D 204 -14.43 -7.35 -3.44
N LEU D 205 -15.63 -6.97 -3.03
CA LEU D 205 -16.34 -7.70 -1.98
C LEU D 205 -16.52 -9.17 -2.37
N ASN D 206 -16.96 -9.43 -3.60
CA ASN D 206 -17.19 -10.79 -4.05
C ASN D 206 -15.91 -11.60 -4.24
N ASP D 207 -14.75 -10.95 -4.25
CA ASP D 207 -13.47 -11.66 -4.33
C ASP D 207 -12.84 -11.89 -2.97
N MET D 208 -13.42 -11.33 -1.90
CA MET D 208 -12.84 -11.43 -0.57
C MET D 208 -12.83 -12.87 -0.07
N THR D 209 -11.68 -13.33 0.40
CA THR D 209 -11.52 -14.64 1.01
C THR D 209 -11.46 -14.51 2.53
N ARG D 210 -11.52 -15.67 3.20
CA ARG D 210 -11.35 -15.69 4.65
C ARG D 210 -9.99 -15.15 5.05
N ALA D 211 -8.97 -15.41 4.25
CA ALA D 211 -7.63 -14.89 4.55
C ALA D 211 -7.59 -13.37 4.47
N ASP D 212 -8.25 -12.79 3.46
CA ASP D 212 -8.34 -11.33 3.37
C ASP D 212 -9.01 -10.75 4.62
N PHE D 213 -10.12 -11.35 5.03
CA PHE D 213 -10.79 -10.94 6.27
C PHE D 213 -9.86 -11.05 7.46
N ASP D 214 -9.06 -12.13 7.51
CA ASP D 214 -8.19 -12.35 8.67
C ASP D 214 -7.06 -11.32 8.75
N VAL D 215 -6.44 -10.99 7.61
CA VAL D 215 -5.38 -9.97 7.66
C VAL D 215 -5.98 -8.59 7.90
N ALA D 216 -7.20 -8.35 7.42
CA ALA D 216 -7.90 -7.13 7.78
C ALA D 216 -8.07 -7.04 9.29
N LEU D 217 -8.44 -8.15 9.93
CA LEU D 217 -8.61 -8.15 11.38
C LEU D 217 -7.28 -8.02 12.10
N GLU D 218 -6.19 -8.55 11.53
CA GLU D 218 -4.87 -8.30 12.09
C GLU D 218 -4.58 -6.80 12.12
N ASP D 219 -4.82 -6.14 10.99
CA ASP D 219 -4.60 -4.70 10.91
C ASP D 219 -5.47 -3.96 11.93
N LEU D 220 -6.75 -4.31 12.02
CA LEU D 220 -7.66 -3.57 12.88
C LEU D 220 -7.36 -3.80 14.36
N ARG D 221 -7.01 -5.04 14.73
CA ARG D 221 -6.78 -5.34 16.13
C ARG D 221 -5.41 -4.91 16.62
N GLU D 222 -4.43 -4.75 15.71
CA GLU D 222 -3.12 -4.28 16.12
C GLU D 222 -3.07 -2.81 16.49
N ARG D 223 -4.06 -2.01 16.04
CA ARG D 223 -3.90 -0.55 16.08
C ARG D 223 -3.86 0.01 17.48
N ASP D 224 -3.69 -0.76 18.54
CA ASP D 224 -3.51 -0.15 19.86
C ASP D 224 -2.05 0.13 20.16
N ARG D 225 -1.13 -0.32 19.29
CA ARG D 225 0.29 -0.02 19.43
C ARG D 225 1.01 -0.40 18.14
#